data_8WR2
#
_entry.id   8WR2
#
_cell.length_a   94.540
_cell.length_b   116.110
_cell.length_c   169.080
_cell.angle_alpha   90.00
_cell.angle_beta   90.00
_cell.angle_gamma   90.00
#
_symmetry.space_group_name_H-M   'I 2 2 2'
#
loop_
_entity.id
_entity.type
_entity.pdbx_description
1 polymer 'Pyridoxal kinase'
2 branched alpha-D-glucopyranose-(1-1)-alpha-D-glucopyranose
3 non-polymer 'SODIUM ION'
4 non-polymer 2-(3,4-dihydroxyphenyl)-5,7-dihydroxy-4H-chromen-4-one
5 non-polymer (4S)-2-METHYL-2,4-PENTANEDIOL
6 non-polymer 'DIMETHYL SULFOXIDE'
7 water water
#
_entity_poly.entity_id   1
_entity_poly.type   'polypeptide(L)'
_entity_poly.pdbx_seq_one_letter_code
;MEEECRVLSIQSHVIRGYVGNRAATFPLQVLGFEIDAVNSVQFSNHTGYAHWKGQVLNSDELQELYEGLRLNNMNKYDYV
LTGYTRDKSFLAMVVDIVQELKQQNPRLVYVCDPVLGDKWDGEGSMYVPEDLLPVYKEKVVPLADIITPNQFEAELLSGR
KIHSQEEALRVMDMLHSMGPDTVVITSSDLPSPQGSNYLIVLGSQRRRNPAGSVVMERIRMDIRKVDAVFVGTGDLFAAM
LLAWTHKHPNNLKVACEKTVSTLHHVLQRTIQCAKAQAGEGVRPSPMQLELRMVQSKRDIEDPEIVVQATVL
;
_entity_poly.pdbx_strand_id   B,A
#
loop_
_chem_comp.id
_chem_comp.type
_chem_comp.name
_chem_comp.formula
DMS non-polymer 'DIMETHYL SULFOXIDE' 'C2 H6 O S'
GLC D-saccharide, alpha linking alpha-D-glucopyranose 'C6 H12 O6'
LU2 non-polymer 2-(3,4-dihydroxyphenyl)-5,7-dihydroxy-4H-chromen-4-one 'C15 H10 O6'
MPD non-polymer (4S)-2-METHYL-2,4-PENTANEDIOL 'C6 H14 O2'
NA non-polymer 'SODIUM ION' 'Na 1'
#
# COMPACT_ATOMS: atom_id res chain seq x y z
N GLU A 4 11.73 -11.71 2.37
CA GLU A 4 13.17 -11.92 2.47
C GLU A 4 13.94 -10.60 2.52
N CYS A 5 13.58 -9.60 1.70
CA CYS A 5 14.23 -8.30 1.76
C CYS A 5 13.26 -7.27 2.33
N ARG A 6 13.51 -6.85 3.56
CA ARG A 6 12.57 -6.04 4.35
C ARG A 6 12.98 -4.57 4.33
N VAL A 7 12.04 -3.71 3.99
CA VAL A 7 12.21 -2.28 3.87
C VAL A 7 11.28 -1.62 4.89
N LEU A 8 11.81 -0.75 5.72
CA LEU A 8 10.99 0.10 6.57
C LEU A 8 10.94 1.50 5.95
N SER A 9 9.78 1.89 5.43
CA SER A 9 9.60 3.16 4.75
C SER A 9 8.76 4.08 5.64
N ILE A 10 9.34 5.21 6.07
CA ILE A 10 8.68 6.15 6.95
C ILE A 10 8.42 7.42 6.15
N GLN A 11 7.20 7.55 5.61
CA GLN A 11 6.85 8.64 4.69
C GLN A 11 5.36 8.95 4.77
N SER A 12 4.97 10.02 4.06
CA SER A 12 3.57 10.48 4.02
C SER A 12 2.63 9.45 3.40
N HIS A 13 1.39 9.43 3.88
CA HIS A 13 0.30 8.70 3.23
C HIS A 13 -0.77 9.69 2.77
N VAL A 14 -1.31 9.47 1.56
CA VAL A 14 -2.45 10.22 1.07
C VAL A 14 -3.55 9.22 0.73
N ILE A 15 -4.80 9.66 0.86
CA ILE A 15 -5.94 8.83 0.46
C ILE A 15 -6.02 8.76 -1.06
N ARG A 16 -6.19 9.90 -1.70
CA ARG A 16 -6.18 10.01 -3.14
C ARG A 16 -4.77 10.35 -3.59
N GLY A 17 -4.21 9.55 -4.49
CA GLY A 17 -3.01 9.95 -5.20
C GLY A 17 -1.77 9.19 -4.75
N TYR A 18 -0.61 9.62 -5.28
CA TYR A 18 0.63 8.85 -5.15
C TYR A 18 1.80 9.78 -4.85
N VAL A 19 2.03 10.02 -3.56
CA VAL A 19 3.21 10.70 -3.05
C VAL A 19 3.67 9.94 -1.82
N GLY A 20 4.92 10.17 -1.41
CA GLY A 20 5.41 9.54 -0.18
C GLY A 20 5.30 8.01 -0.24
N ASN A 21 4.78 7.42 0.84
CA ASN A 21 4.59 5.97 0.87
C ASN A 21 3.65 5.44 -0.21
N ARG A 22 2.74 6.28 -0.73
CA ARG A 22 1.86 5.83 -1.80
C ARG A 22 2.62 5.71 -3.12
N ALA A 23 3.61 6.57 -3.33
CA ALA A 23 4.48 6.43 -4.50
C ALA A 23 5.46 5.28 -4.33
N ALA A 24 5.96 5.03 -3.12
CA ALA A 24 7.02 4.05 -2.91
C ALA A 24 6.54 2.62 -2.74
N THR A 25 5.34 2.40 -2.18
CA THR A 25 5.02 1.07 -1.66
C THR A 25 4.68 0.10 -2.78
N PHE A 26 3.66 0.43 -3.59
CA PHE A 26 3.24 -0.48 -4.66
C PHE A 26 4.40 -0.90 -5.56
N PRO A 27 5.25 0.01 -6.07
CA PRO A 27 6.35 -0.45 -6.94
C PRO A 27 7.30 -1.40 -6.23
N LEU A 28 7.66 -1.09 -4.98
CA LEU A 28 8.57 -1.99 -4.27
C LEU A 28 7.90 -3.34 -4.00
N GLN A 29 6.59 -3.34 -3.70
CA GLN A 29 5.89 -4.61 -3.53
C GLN A 29 5.86 -5.39 -4.84
N VAL A 30 5.64 -4.71 -5.95
CA VAL A 30 5.62 -5.34 -7.27
C VAL A 30 6.98 -6.00 -7.56
N LEU A 31 8.05 -5.39 -7.09
CA LEU A 31 9.41 -5.89 -7.28
C LEU A 31 9.82 -6.92 -6.24
N GLY A 32 8.92 -7.29 -5.32
CA GLY A 32 9.18 -8.39 -4.41
C GLY A 32 9.71 -8.02 -3.04
N PHE A 33 9.78 -6.73 -2.70
CA PHE A 33 10.27 -6.31 -1.39
C PHE A 33 9.15 -6.41 -0.35
N GLU A 34 9.49 -6.89 0.84
CA GLU A 34 8.60 -6.84 2.02
C GLU A 34 8.71 -5.45 2.60
N ILE A 35 7.98 -4.51 2.03
CA ILE A 35 8.06 -3.13 2.48
C ILE A 35 6.98 -2.87 3.52
N ASP A 36 7.39 -2.33 4.66
CA ASP A 36 6.54 -1.97 5.77
C ASP A 36 6.42 -0.46 5.81
N ALA A 37 5.20 0.07 5.83
CA ALA A 37 4.95 1.49 5.65
C ALA A 37 4.54 2.12 6.98
N VAL A 38 5.40 2.97 7.51
CA VAL A 38 5.03 3.85 8.63
C VAL A 38 4.55 5.16 8.02
N ASN A 39 3.27 5.49 8.24
CA ASN A 39 2.67 6.65 7.62
C ASN A 39 2.87 7.84 8.55
N SER A 40 3.76 8.75 8.15
CA SER A 40 4.12 9.88 9.00
C SER A 40 3.08 10.98 8.96
N VAL A 41 2.22 10.99 7.94
CA VAL A 41 0.99 11.77 7.92
C VAL A 41 -0.08 10.92 7.23
N GLN A 42 -1.34 11.30 7.44
CA GLN A 42 -2.44 10.75 6.64
C GLN A 42 -3.26 11.95 6.17
N PHE A 43 -3.11 12.31 4.90
CA PHE A 43 -3.83 13.43 4.33
C PHE A 43 -4.79 12.94 3.24
N SER A 44 -5.79 13.78 2.96
CA SER A 44 -6.75 13.43 1.92
C SER A 44 -6.08 13.35 0.56
N ASN A 45 -5.10 14.20 0.31
CA ASN A 45 -4.40 14.30 -0.97
C ASN A 45 -3.18 15.19 -0.72
N HIS A 46 -2.36 15.37 -1.74
CA HIS A 46 -1.13 16.13 -1.47
C HIS A 46 -1.44 17.63 -1.48
N THR A 47 -0.49 18.43 -0.96
CA THR A 47 -0.73 19.84 -0.72
C THR A 47 -0.65 20.69 -1.99
N GLY A 48 -0.45 20.08 -3.15
CA GLY A 48 -0.56 20.82 -4.40
C GLY A 48 -1.97 21.08 -4.88
N TYR A 49 -2.96 20.43 -4.27
CA TYR A 49 -4.36 20.65 -4.60
C TYR A 49 -4.85 21.94 -3.98
N ALA A 50 -5.92 22.48 -4.54
CA ALA A 50 -6.60 23.62 -3.93
C ALA A 50 -6.92 23.37 -2.46
N HIS A 51 -7.37 22.17 -2.10
CA HIS A 51 -7.71 21.84 -0.72
C HIS A 51 -6.99 20.57 -0.26
N TRP A 52 -6.83 20.45 1.05
CA TRP A 52 -6.28 19.27 1.69
C TRP A 52 -6.56 19.34 3.18
N LYS A 53 -6.80 18.18 3.77
CA LYS A 53 -6.94 18.01 5.22
C LYS A 53 -6.31 16.69 5.64
N GLY A 54 -5.88 16.61 6.89
CA GLY A 54 -5.37 15.35 7.39
C GLY A 54 -4.75 15.51 8.76
N GLN A 55 -4.11 14.44 9.20
CA GLN A 55 -3.52 14.33 10.51
C GLN A 55 -2.04 13.97 10.40
N VAL A 56 -1.24 14.44 11.36
CA VAL A 56 0.20 14.25 11.34
C VAL A 56 0.56 13.25 12.44
N LEU A 57 1.49 12.34 12.16
CA LEU A 57 2.07 11.50 13.20
C LEU A 57 3.14 12.30 13.94
N ASN A 58 3.12 12.26 15.28
CA ASN A 58 4.17 12.95 16.02
C ASN A 58 5.22 11.95 16.48
N SER A 59 6.35 12.48 16.96
CA SER A 59 7.52 11.63 17.24
C SER A 59 7.26 10.65 18.38
N ASP A 60 6.39 11.00 19.33
CA ASP A 60 6.06 10.07 20.40
C ASP A 60 5.30 8.87 19.86
N GLU A 61 4.36 9.13 18.93
CA GLU A 61 3.62 8.05 18.29
C GLU A 61 4.52 7.19 17.41
N LEU A 62 5.47 7.82 16.69
CA LEU A 62 6.45 7.06 15.93
C LEU A 62 7.24 6.13 16.84
N GLN A 63 7.68 6.64 18.00
CA GLN A 63 8.41 5.82 18.95
C GLN A 63 7.57 4.66 19.48
N GLU A 64 6.29 4.92 19.76
CA GLU A 64 5.37 3.86 20.17
C GLU A 64 5.28 2.74 19.15
N LEU A 65 5.10 3.10 17.87
CA LEU A 65 4.97 2.07 16.84
C LEU A 65 6.26 1.26 16.73
N TYR A 66 7.41 1.92 16.76
CA TYR A 66 8.67 1.18 16.74
C TYR A 66 8.77 0.28 17.96
N GLU A 67 8.30 0.75 19.11
CA GLU A 67 8.34 -0.08 20.31
C GLU A 67 7.52 -1.35 20.13
N GLY A 68 6.37 -1.24 19.47
CA GLY A 68 5.60 -2.45 19.18
C GLY A 68 6.38 -3.43 18.33
N LEU A 69 7.15 -2.92 17.36
CA LEU A 69 7.99 -3.81 16.56
C LEU A 69 9.08 -4.43 17.42
N ARG A 70 9.77 -3.61 18.22
CA ARG A 70 10.86 -4.13 19.05
C ARG A 70 10.38 -5.24 19.98
N LEU A 71 9.24 -5.00 20.66
CA LEU A 71 8.74 -5.99 21.62
C LEU A 71 8.48 -7.34 20.97
N ASN A 72 8.14 -7.36 19.69
CA ASN A 72 7.90 -8.62 19.00
C ASN A 72 9.13 -9.11 18.28
N ASN A 73 10.28 -8.49 18.50
CA ASN A 73 11.52 -8.87 17.86
C ASN A 73 11.39 -8.73 16.33
N MET A 74 10.62 -7.72 15.89
CA MET A 74 10.39 -7.42 14.48
C MET A 74 11.14 -6.18 14.02
N ASN A 75 12.23 -5.84 14.70
CA ASN A 75 13.06 -4.71 14.34
C ASN A 75 14.33 -5.15 13.62
N LYS A 76 14.15 -5.99 12.61
CA LYS A 76 15.24 -6.51 11.77
C LYS A 76 14.91 -6.12 10.32
N TYR A 77 15.58 -5.10 9.80
CA TYR A 77 15.31 -4.62 8.45
C TYR A 77 16.59 -4.65 7.62
N ASP A 78 16.40 -4.86 6.32
CA ASP A 78 17.49 -4.73 5.35
C ASP A 78 17.65 -3.33 4.84
N TYR A 79 16.57 -2.54 4.80
CA TYR A 79 16.60 -1.16 4.33
C TYR A 79 15.70 -0.29 5.20
N VAL A 80 16.09 0.97 5.31
CA VAL A 80 15.17 2.02 5.75
C VAL A 80 15.08 3.04 4.61
N LEU A 81 13.89 3.58 4.40
CA LEU A 81 13.64 4.54 3.33
C LEU A 81 12.89 5.73 3.92
N THR A 82 13.46 6.93 3.78
CA THR A 82 12.78 8.14 4.23
C THR A 82 12.84 9.20 3.14
N GLY A 83 11.94 10.17 3.26
CA GLY A 83 11.87 11.27 2.31
C GLY A 83 11.39 12.54 2.99
N TYR A 84 10.29 13.09 2.51
CA TYR A 84 9.82 14.36 3.04
C TYR A 84 9.51 14.20 4.52
N THR A 85 10.16 15.03 5.32
CA THR A 85 9.98 15.04 6.76
C THR A 85 9.81 16.48 7.19
N ARG A 86 8.76 16.75 7.94
CA ARG A 86 8.35 18.12 8.19
C ARG A 86 8.88 18.66 9.50
N ASP A 87 9.13 17.80 10.47
CA ASP A 87 9.28 18.20 11.85
C ASP A 87 10.62 17.73 12.40
N LYS A 88 11.32 18.63 13.11
CA LYS A 88 12.66 18.31 13.62
C LYS A 88 12.60 17.20 14.66
N SER A 89 11.69 17.31 15.62
CA SER A 89 11.53 16.24 16.60
C SER A 89 11.28 14.89 15.92
N PHE A 90 10.48 14.89 14.85
CA PHE A 90 10.22 13.64 14.13
C PHE A 90 11.49 13.10 13.45
N LEU A 91 12.20 13.97 12.72
CA LEU A 91 13.45 13.58 12.09
C LEU A 91 14.45 13.03 13.11
N ALA A 92 14.53 13.64 14.30
CA ALA A 92 15.46 13.13 15.29
C ALA A 92 15.06 11.74 15.77
N MET A 93 13.75 11.47 15.90
CA MET A 93 13.34 10.12 16.24
C MET A 93 13.61 9.12 15.13
N VAL A 94 13.45 9.54 13.88
CA VAL A 94 13.87 8.69 12.77
C VAL A 94 15.34 8.35 12.88
N VAL A 95 16.18 9.32 13.25
CA VAL A 95 17.62 9.05 13.41
C VAL A 95 17.83 8.00 14.47
N ASP A 96 17.17 8.15 15.63
CA ASP A 96 17.31 7.17 16.73
C ASP A 96 16.88 5.78 16.30
N ILE A 97 15.79 5.68 15.52
CA ILE A 97 15.35 4.36 15.08
C ILE A 97 16.36 3.75 14.12
N VAL A 98 16.89 4.53 13.17
CA VAL A 98 17.84 3.98 12.22
C VAL A 98 19.10 3.50 12.95
N GLN A 99 19.55 4.26 13.96
CA GLN A 99 20.70 3.84 14.75
C GLN A 99 20.45 2.50 15.43
N GLU A 100 19.29 2.35 16.07
CA GLU A 100 18.88 1.07 16.64
C GLU A 100 18.91 -0.04 15.58
N LEU A 101 18.27 0.21 14.43
CA LEU A 101 18.14 -0.83 13.43
C LEU A 101 19.50 -1.23 12.85
N LYS A 102 20.42 -0.27 12.76
CA LYS A 102 21.78 -0.57 12.30
C LYS A 102 22.57 -1.36 13.32
N GLN A 103 22.28 -1.22 14.61
CA GLN A 103 22.89 -2.11 15.60
C GLN A 103 22.31 -3.51 15.50
N GLN A 104 21.00 -3.64 15.31
CA GLN A 104 20.40 -4.95 15.05
C GLN A 104 20.98 -5.60 13.79
N ASN A 105 21.17 -4.81 12.73
CA ASN A 105 21.66 -5.34 11.46
C ASN A 105 22.68 -4.35 10.91
N PRO A 106 23.97 -4.61 11.12
CA PRO A 106 25.01 -3.68 10.62
C PRO A 106 25.08 -3.60 9.11
N ARG A 107 24.45 -4.51 8.38
CA ARG A 107 24.41 -4.43 6.93
C ARG A 107 23.21 -3.63 6.41
N LEU A 108 22.36 -3.10 7.30
CA LEU A 108 21.23 -2.30 6.89
C LEU A 108 21.65 -1.12 6.00
N VAL A 109 20.89 -0.90 4.94
CA VAL A 109 21.10 0.20 4.00
C VAL A 109 20.03 1.26 4.23
N TYR A 110 20.44 2.46 4.59
CA TYR A 110 19.52 3.56 4.79
C TYR A 110 19.53 4.41 3.52
N VAL A 111 18.38 4.45 2.84
CA VAL A 111 18.16 5.26 1.64
C VAL A 111 17.41 6.52 2.07
N CYS A 112 18.04 7.68 1.88
CA CYS A 112 17.52 8.95 2.36
C CYS A 112 17.34 9.93 1.20
N ASP A 113 16.10 10.36 0.96
CA ASP A 113 15.86 11.50 0.11
C ASP A 113 15.85 12.73 1.01
N PRO A 114 16.90 13.56 1.00
CA PRO A 114 17.02 14.64 2.01
C PRO A 114 16.22 15.86 1.57
N VAL A 115 14.90 15.76 1.69
CA VAL A 115 14.00 16.76 1.12
C VAL A 115 14.14 18.06 1.89
N LEU A 116 14.57 19.11 1.21
CA LEU A 116 14.70 20.42 1.83
C LEU A 116 14.03 21.53 1.03
N GLY A 117 14.05 21.45 -0.30
CA GLY A 117 13.57 22.54 -1.12
C GLY A 117 13.97 22.33 -2.57
N ASP A 118 13.83 23.40 -3.37
CA ASP A 118 14.12 23.36 -4.79
C ASP A 118 14.27 24.79 -5.31
N LYS A 119 14.56 24.91 -6.60
CA LYS A 119 14.71 26.20 -7.28
C LYS A 119 13.67 26.35 -8.40
N TRP A 120 13.03 27.51 -8.47
CA TRP A 120 12.14 27.88 -9.57
C TRP A 120 12.68 29.15 -10.21
N ASP A 121 13.30 29.00 -11.38
CA ASP A 121 13.69 30.14 -12.21
C ASP A 121 14.61 31.09 -11.45
N GLY A 122 15.58 30.53 -10.73
CA GLY A 122 16.58 31.31 -10.02
C GLY A 122 16.36 31.41 -8.52
N GLU A 123 15.10 31.37 -8.05
CA GLU A 123 14.82 31.41 -6.63
C GLU A 123 14.89 30.01 -6.04
N GLY A 124 15.89 29.76 -5.20
CA GLY A 124 15.89 28.58 -4.36
C GLY A 124 15.17 28.89 -3.07
N SER A 125 14.28 27.98 -2.66
CA SER A 125 13.49 28.20 -1.46
C SER A 125 13.14 26.85 -0.84
N MET A 126 12.96 26.84 0.48
CA MET A 126 12.81 25.55 1.14
C MET A 126 11.35 25.13 1.34
N TYR A 127 11.17 23.82 1.52
CA TYR A 127 9.89 23.18 1.74
C TYR A 127 9.65 22.78 3.17
N VAL A 128 10.68 22.86 4.00
CA VAL A 128 10.65 22.32 5.37
C VAL A 128 11.25 23.38 6.27
N PRO A 129 11.03 23.29 7.58
CA PRO A 129 11.66 24.24 8.50
C PRO A 129 13.18 24.26 8.34
N GLU A 130 13.75 25.47 8.44
CA GLU A 130 15.19 25.60 8.28
C GLU A 130 15.95 24.84 9.36
N ASP A 131 15.34 24.68 10.54
CA ASP A 131 16.04 23.92 11.59
C ASP A 131 16.20 22.42 11.28
N LEU A 132 15.68 21.92 10.16
CA LEU A 132 16.01 20.54 9.76
C LEU A 132 17.41 20.43 9.16
N LEU A 133 17.94 21.51 8.58
CA LEU A 133 19.20 21.40 7.86
C LEU A 133 20.37 20.97 8.75
N PRO A 134 20.55 21.52 9.96
CA PRO A 134 21.62 20.97 10.83
C PRO A 134 21.40 19.53 11.22
N VAL A 135 20.14 19.11 11.40
CA VAL A 135 19.89 17.70 11.69
C VAL A 135 20.28 16.84 10.50
N TYR A 136 19.94 17.28 9.28
CA TYR A 136 20.34 16.52 8.10
C TYR A 136 21.86 16.46 7.98
N LYS A 137 22.53 17.60 8.21
CA LYS A 137 23.98 17.68 8.08
C LYS A 137 24.70 16.82 9.11
N GLU A 138 24.27 16.86 10.37
CA GLU A 138 25.07 16.28 11.43
C GLU A 138 24.59 14.91 11.88
N LYS A 139 23.34 14.58 11.61
CA LYS A 139 22.77 13.33 12.12
C LYS A 139 22.22 12.41 11.04
N VAL A 140 21.54 12.94 10.03
CA VAL A 140 20.88 12.06 9.06
C VAL A 140 21.86 11.59 7.99
N VAL A 141 22.45 12.55 7.26
CA VAL A 141 23.38 12.18 6.18
C VAL A 141 24.53 11.31 6.67
N PRO A 142 25.14 11.55 7.83
CA PRO A 142 26.21 10.64 8.27
C PRO A 142 25.73 9.21 8.47
N LEU A 143 24.45 9.01 8.73
CA LEU A 143 23.90 7.68 8.90
C LEU A 143 23.44 7.06 7.59
N ALA A 144 23.18 7.87 6.56
CA ALA A 144 22.62 7.39 5.31
C ALA A 144 23.68 6.65 4.49
N ASP A 145 23.22 5.68 3.70
CA ASP A 145 24.10 5.02 2.75
C ASP A 145 23.86 5.40 1.30
N ILE A 146 22.64 5.76 0.95
CA ILE A 146 22.28 6.26 -0.37
C ILE A 146 21.48 7.53 -0.15
N ILE A 147 21.88 8.63 -0.81
CA ILE A 147 21.10 9.87 -0.76
C ILE A 147 20.83 10.36 -2.16
N THR A 148 19.68 11.01 -2.34
CA THR A 148 19.23 11.48 -3.65
C THR A 148 18.86 12.96 -3.56
N PRO A 149 19.79 13.83 -3.21
CA PRO A 149 19.49 15.27 -3.20
C PRO A 149 19.26 15.80 -4.62
N ASN A 150 18.36 16.77 -4.75
CA ASN A 150 18.39 17.56 -5.95
C ASN A 150 19.54 18.58 -5.83
N GLN A 151 19.77 19.37 -6.87
CA GLN A 151 20.93 20.27 -6.84
C GLN A 151 20.86 21.25 -5.66
N PHE A 152 19.68 21.80 -5.40
CA PHE A 152 19.50 22.76 -4.32
C PHE A 152 19.86 22.15 -2.97
N GLU A 153 19.35 20.94 -2.69
CA GLU A 153 19.70 20.29 -1.44
C GLU A 153 21.16 19.86 -1.38
N ALA A 154 21.76 19.46 -2.50
CA ALA A 154 23.19 19.16 -2.46
C ALA A 154 23.99 20.41 -2.10
N GLU A 155 23.59 21.57 -2.64
CA GLU A 155 24.23 22.83 -2.27
C GLU A 155 24.05 23.13 -0.78
N LEU A 156 22.82 22.99 -0.26
CA LEU A 156 22.58 23.30 1.14
C LEU A 156 23.35 22.36 2.05
N LEU A 157 23.37 21.06 1.73
CA LEU A 157 24.04 20.08 2.58
C LEU A 157 25.55 20.29 2.59
N SER A 158 26.11 20.72 1.47
CA SER A 158 27.56 20.85 1.36
C SER A 158 28.06 22.24 1.71
N GLY A 159 27.19 23.24 1.67
CA GLY A 159 27.61 24.62 1.84
C GLY A 159 28.20 25.26 0.60
N ARG A 160 27.95 24.71 -0.59
CA ARG A 160 28.61 25.16 -1.81
C ARG A 160 27.63 25.27 -2.96
N LYS A 161 27.72 26.37 -3.70
CA LYS A 161 26.88 26.53 -4.87
C LYS A 161 27.49 25.73 -6.02
N ILE A 162 26.63 25.15 -6.87
CA ILE A 162 27.06 24.33 -7.99
C ILE A 162 26.79 25.09 -9.28
N HIS A 163 27.84 25.28 -10.09
CA HIS A 163 27.71 25.99 -11.36
C HIS A 163 28.03 25.14 -12.57
N SER A 164 28.47 23.89 -12.38
CA SER A 164 28.97 23.09 -13.48
C SER A 164 29.07 21.65 -13.00
N GLN A 165 29.17 20.73 -13.97
CA GLN A 165 29.40 19.32 -13.64
C GLN A 165 30.61 19.15 -12.73
N GLU A 166 31.73 19.82 -13.05
CA GLU A 166 32.91 19.86 -12.20
C GLU A 166 32.59 20.08 -10.74
N GLU A 167 31.90 21.19 -10.45
CA GLU A 167 31.64 21.52 -9.05
C GLU A 167 30.65 20.55 -8.43
N ALA A 168 29.71 20.03 -9.23
CA ALA A 168 28.79 19.02 -8.71
C ALA A 168 29.56 17.78 -8.25
N LEU A 169 30.54 17.33 -9.07
CA LEU A 169 31.32 16.16 -8.68
C LEU A 169 32.10 16.43 -7.40
N ARG A 170 32.62 17.65 -7.23
CA ARG A 170 33.27 17.98 -5.96
C ARG A 170 32.29 17.92 -4.79
N VAL A 171 31.08 18.45 -4.98
CA VAL A 171 30.07 18.36 -3.93
C VAL A 171 29.72 16.91 -3.62
N MET A 172 29.62 16.05 -4.64
CA MET A 172 29.34 14.64 -4.34
C MET A 172 30.46 14.01 -3.53
N ASP A 173 31.73 14.34 -3.83
CA ASP A 173 32.83 13.88 -2.98
C ASP A 173 32.63 14.36 -1.54
N MET A 174 32.26 15.62 -1.39
CA MET A 174 31.99 16.20 -0.06
C MET A 174 30.88 15.41 0.63
N LEU A 175 29.81 15.08 -0.12
CA LEU A 175 28.72 14.30 0.45
C LEU A 175 29.18 12.87 0.81
N HIS A 176 29.96 12.23 -0.05
CA HIS A 176 30.55 10.92 0.30
C HIS A 176 31.29 11.02 1.62
N SER A 177 32.10 12.06 1.79
CA SER A 177 32.91 12.18 3.00
C SER A 177 32.05 12.42 4.23
N MET A 178 30.83 12.92 4.03
CA MET A 178 29.91 13.08 5.15
C MET A 178 29.29 11.75 5.59
N GLY A 179 29.24 10.75 4.71
CA GLY A 179 28.66 9.49 5.10
C GLY A 179 28.36 8.51 3.97
N PRO A 180 27.42 8.86 3.09
CA PRO A 180 26.85 7.85 2.17
C PRO A 180 27.82 7.42 1.08
N ASP A 181 27.83 6.12 0.80
CA ASP A 181 28.62 5.57 -0.29
C ASP A 181 27.97 5.78 -1.66
N THR A 182 26.67 6.05 -1.74
CA THR A 182 26.03 6.32 -3.03
C THR A 182 25.35 7.68 -2.97
N VAL A 183 25.70 8.54 -3.92
CA VAL A 183 25.17 9.90 -4.00
C VAL A 183 24.65 10.10 -5.41
N VAL A 184 23.38 10.47 -5.53
CA VAL A 184 22.79 10.76 -6.82
C VAL A 184 22.21 12.16 -6.75
N ILE A 185 22.68 13.06 -7.60
CA ILE A 185 22.13 14.42 -7.69
C ILE A 185 21.27 14.52 -8.94
N THR A 186 20.10 15.16 -8.82
CA THR A 186 19.30 15.53 -9.98
C THR A 186 19.28 17.04 -10.13
N SER A 187 19.33 17.52 -11.37
CA SER A 187 19.44 18.95 -11.62
C SER A 187 18.76 19.30 -12.93
N SER A 188 17.91 20.33 -12.91
CA SER A 188 17.41 20.97 -14.11
C SER A 188 18.23 22.20 -14.51
N ASP A 189 19.20 22.60 -13.69
CA ASP A 189 19.94 23.83 -13.97
C ASP A 189 21.32 23.61 -14.59
N LEU A 190 21.89 22.42 -14.47
CA LEU A 190 23.14 22.16 -15.16
C LEU A 190 22.88 22.06 -16.66
N PRO A 191 23.81 22.54 -17.49
CA PRO A 191 23.57 22.51 -18.94
C PRO A 191 23.70 21.11 -19.53
N SER A 192 22.90 20.88 -20.57
CA SER A 192 22.97 19.66 -21.35
C SER A 192 23.25 19.98 -22.81
N PRO A 193 24.16 19.24 -23.45
CA PRO A 193 24.39 19.44 -24.89
C PRO A 193 23.23 18.99 -25.75
N GLN A 194 22.18 18.40 -25.19
CA GLN A 194 21.08 17.87 -25.97
C GLN A 194 19.92 18.84 -26.12
N GLY A 195 19.83 19.87 -25.28
CA GLY A 195 18.74 20.81 -25.38
C GLY A 195 18.46 21.49 -24.06
N SER A 196 17.30 22.14 -24.00
CA SER A 196 16.95 23.03 -22.90
C SER A 196 16.01 22.42 -21.87
N ASN A 197 15.17 21.45 -22.26
CA ASN A 197 14.29 20.77 -21.31
C ASN A 197 14.84 19.41 -20.93
N TYR A 198 16.07 19.40 -20.42
CA TYR A 198 16.74 18.18 -20.03
C TYR A 198 16.99 18.17 -18.52
N LEU A 199 16.81 17.01 -17.91
CA LEU A 199 17.20 16.78 -16.53
C LEU A 199 18.55 16.06 -16.54
N ILE A 200 19.47 16.51 -15.68
CA ILE A 200 20.77 15.88 -15.52
C ILE A 200 20.75 15.06 -14.25
N VAL A 201 21.14 13.81 -14.36
CA VAL A 201 21.38 12.97 -13.21
C VAL A 201 22.87 12.67 -13.15
N LEU A 202 23.49 12.95 -12.01
CA LEU A 202 24.87 12.58 -11.73
C LEU A 202 24.87 11.57 -10.58
N GLY A 203 25.53 10.46 -10.79
CA GLY A 203 25.61 9.42 -9.76
C GLY A 203 27.06 9.10 -9.45
N SER A 204 27.34 8.89 -8.17
CA SER A 204 28.67 8.46 -7.73
C SER A 204 28.46 7.38 -6.67
N GLN A 205 29.19 6.27 -6.79
CA GLN A 205 29.11 5.18 -5.82
C GLN A 205 30.51 4.68 -5.50
N ARG A 206 30.85 4.66 -4.21
CA ARG A 206 32.10 4.10 -3.70
C ARG A 206 31.83 2.71 -3.15
N ARG A 207 32.70 1.75 -3.47
CA ARG A 207 32.55 0.40 -2.95
C ARG A 207 33.92 -0.26 -2.82
N ARG A 208 33.95 -1.36 -2.08
CA ARG A 208 35.14 -2.20 -1.98
C ARG A 208 34.94 -3.40 -2.88
N ASN A 209 35.84 -3.61 -3.83
CA ASN A 209 35.65 -4.65 -4.84
C ASN A 209 36.09 -6.00 -4.26
N PRO A 210 35.92 -7.11 -4.99
CA PRO A 210 36.31 -8.42 -4.42
C PRO A 210 37.75 -8.47 -3.93
N ALA A 211 38.66 -7.76 -4.60
CA ALA A 211 40.06 -7.74 -4.19
C ALA A 211 40.30 -6.93 -2.93
N GLY A 212 39.34 -6.08 -2.52
CA GLY A 212 39.51 -5.26 -1.34
C GLY A 212 39.84 -3.80 -1.59
N SER A 213 39.95 -3.38 -2.85
CA SER A 213 40.24 -1.99 -3.15
C SER A 213 38.96 -1.16 -3.10
N VAL A 214 39.06 0.06 -2.59
CA VAL A 214 37.95 1.01 -2.62
C VAL A 214 37.97 1.76 -3.94
N VAL A 215 36.94 1.56 -4.76
CA VAL A 215 36.84 2.22 -6.05
C VAL A 215 35.55 3.03 -6.08
N MET A 216 35.43 3.89 -7.10
CA MET A 216 34.29 4.77 -7.23
C MET A 216 33.84 4.78 -8.69
N GLU A 217 32.55 4.50 -8.92
CA GLU A 217 31.95 4.54 -10.23
C GLU A 217 31.13 5.81 -10.33
N ARG A 218 31.27 6.53 -11.44
CA ARG A 218 30.61 7.83 -11.61
C ARG A 218 29.88 7.77 -12.94
N ILE A 219 28.64 8.25 -12.98
CA ILE A 219 27.84 8.21 -14.19
C ILE A 219 27.08 9.52 -14.39
N ARG A 220 26.63 9.74 -15.62
CA ARG A 220 25.83 10.90 -15.94
C ARG A 220 24.72 10.48 -16.90
N MET A 221 23.51 11.04 -16.71
CA MET A 221 22.41 10.84 -17.64
C MET A 221 21.82 12.19 -18.04
N ASP A 222 21.52 12.32 -19.34
CA ASP A 222 20.87 13.50 -19.90
C ASP A 222 19.49 13.06 -20.38
N ILE A 223 18.46 13.46 -19.65
CA ILE A 223 17.10 12.94 -19.84
C ILE A 223 16.23 14.05 -20.41
N ARG A 224 15.62 13.80 -21.56
CA ARG A 224 14.63 14.74 -22.07
C ARG A 224 13.37 14.61 -21.20
N LYS A 225 13.02 15.68 -20.50
CA LYS A 225 11.87 15.61 -19.61
C LYS A 225 10.58 15.40 -20.41
N VAL A 226 9.57 14.84 -19.74
CA VAL A 226 8.22 14.89 -20.29
C VAL A 226 7.60 16.24 -19.99
N ASP A 227 6.61 16.63 -20.78
CA ASP A 227 6.20 18.04 -20.82
C ASP A 227 5.18 18.40 -19.72
N ALA A 228 5.51 18.07 -18.47
CA ALA A 228 4.78 18.56 -17.31
C ALA A 228 5.65 18.35 -16.08
N VAL A 229 5.19 18.90 -14.97
CA VAL A 229 5.80 18.68 -13.67
C VAL A 229 4.82 17.90 -12.80
N PHE A 230 5.33 16.98 -11.99
CA PHE A 230 4.49 16.06 -11.23
C PHE A 230 4.81 16.18 -9.76
N VAL A 231 3.94 15.60 -8.94
CA VAL A 231 4.18 15.48 -7.50
C VAL A 231 4.40 14.01 -7.19
N GLY A 232 5.41 13.74 -6.37
CA GLY A 232 5.76 12.39 -6.00
C GLY A 232 6.94 11.81 -6.75
N THR A 233 7.48 12.54 -7.73
CA THR A 233 8.54 12.02 -8.61
C THR A 233 9.79 11.65 -7.83
N GLY A 234 10.22 12.51 -6.91
CA GLY A 234 11.41 12.22 -6.12
C GLY A 234 11.22 11.05 -5.18
N ASP A 235 10.00 10.88 -4.66
CA ASP A 235 9.67 9.70 -3.84
C ASP A 235 9.77 8.43 -4.67
N LEU A 236 9.19 8.40 -5.86
CA LEU A 236 9.30 7.22 -6.70
C LEU A 236 10.76 6.96 -7.10
N PHE A 237 11.50 8.04 -7.39
CA PHE A 237 12.91 7.91 -7.79
C PHE A 237 13.73 7.21 -6.72
N ALA A 238 13.63 7.66 -5.47
CA ALA A 238 14.42 7.05 -4.40
C ALA A 238 14.02 5.59 -4.15
N ALA A 239 12.72 5.29 -4.23
CA ALA A 239 12.25 3.92 -4.05
C ALA A 239 12.80 3.00 -5.13
N MET A 240 12.73 3.44 -6.40
CA MET A 240 13.26 2.63 -7.50
C MET A 240 14.79 2.54 -7.47
N LEU A 241 15.48 3.60 -7.02
CA LEU A 241 16.93 3.52 -6.87
C LEU A 241 17.30 2.48 -5.82
N LEU A 242 16.55 2.45 -4.71
CA LEU A 242 16.73 1.37 -3.73
C LEU A 242 16.60 0.01 -4.41
N ALA A 243 15.48 -0.19 -5.12
CA ALA A 243 15.22 -1.48 -5.75
C ALA A 243 16.33 -1.87 -6.72
N TRP A 244 16.77 -0.96 -7.58
CA TRP A 244 17.68 -1.40 -8.63
C TRP A 244 19.14 -1.43 -8.20
N THR A 245 19.56 -0.59 -7.24
CA THR A 245 20.86 -0.80 -6.61
C THR A 245 20.89 -2.09 -5.83
N HIS A 246 19.77 -2.52 -5.25
CA HIS A 246 19.72 -3.81 -4.58
C HIS A 246 19.94 -4.96 -5.57
N LYS A 247 19.29 -4.89 -6.73
CA LYS A 247 19.45 -5.92 -7.76
C LYS A 247 20.81 -5.83 -8.45
N HIS A 248 21.36 -4.63 -8.59
CA HIS A 248 22.65 -4.42 -9.27
C HIS A 248 23.65 -3.72 -8.37
N PRO A 249 24.07 -4.37 -7.28
CA PRO A 249 24.81 -3.63 -6.24
C PRO A 249 26.16 -3.11 -6.69
N ASN A 250 26.77 -3.68 -7.73
CA ASN A 250 28.08 -3.23 -8.17
C ASN A 250 28.05 -2.57 -9.53
N ASN A 251 26.85 -2.14 -9.99
CA ASN A 251 26.73 -1.59 -11.34
C ASN A 251 25.79 -0.39 -11.23
N LEU A 252 26.37 0.75 -10.84
CA LEU A 252 25.60 1.97 -10.70
C LEU A 252 24.99 2.39 -12.02
N LYS A 253 25.71 2.14 -13.13
CA LYS A 253 25.21 2.53 -14.44
C LYS A 253 23.88 1.85 -14.75
N VAL A 254 23.83 0.53 -14.60
CA VAL A 254 22.61 -0.21 -14.86
C VAL A 254 21.52 0.17 -13.85
N ALA A 255 21.89 0.26 -12.57
CA ALA A 255 20.93 0.66 -11.54
C ALA A 255 20.26 1.98 -11.88
N CYS A 256 21.06 2.98 -12.30
CA CYS A 256 20.48 4.27 -12.58
C CYS A 256 19.70 4.26 -13.89
N GLU A 257 20.14 3.48 -14.88
CA GLU A 257 19.40 3.41 -16.14
C GLU A 257 18.01 2.81 -15.94
N LYS A 258 17.91 1.76 -15.13
CA LYS A 258 16.61 1.16 -14.87
C LYS A 258 15.73 2.09 -14.03
N THR A 259 16.32 2.76 -13.04
CA THR A 259 15.57 3.74 -12.25
C THR A 259 15.01 4.84 -13.14
N VAL A 260 15.89 5.48 -13.93
CA VAL A 260 15.43 6.59 -14.77
C VAL A 260 14.43 6.11 -15.83
N SER A 261 14.64 4.92 -16.37
CA SER A 261 13.70 4.42 -17.37
C SER A 261 12.32 4.12 -16.77
N THR A 262 12.26 3.56 -15.55
CA THR A 262 10.98 3.38 -14.88
C THR A 262 10.25 4.72 -14.73
N LEU A 263 10.96 5.73 -14.23
CA LEU A 263 10.35 7.04 -14.04
C LEU A 263 9.86 7.60 -15.36
N HIS A 264 10.67 7.48 -16.42
CA HIS A 264 10.24 8.01 -17.70
C HIS A 264 8.95 7.34 -18.19
N HIS A 265 8.85 6.01 -18.04
CA HIS A 265 7.64 5.31 -18.51
C HIS A 265 6.41 5.73 -17.71
N VAL A 266 6.55 5.82 -16.38
CA VAL A 266 5.45 6.25 -15.53
C VAL A 266 4.99 7.66 -15.91
N LEU A 267 5.97 8.57 -16.06
CA LEU A 267 5.63 9.97 -16.30
C LEU A 267 5.09 10.17 -17.72
N GLN A 268 5.65 9.45 -18.69
CA GLN A 268 5.10 9.49 -20.06
C GLN A 268 3.65 9.02 -20.07
N ARG A 269 3.37 7.88 -19.45
CA ARG A 269 1.99 7.40 -19.36
C ARG A 269 1.11 8.42 -18.66
N THR A 270 1.62 9.03 -17.60
CA THR A 270 0.83 9.96 -16.81
C THR A 270 0.46 11.18 -17.64
N ILE A 271 1.44 11.77 -18.35
CA ILE A 271 1.13 12.97 -19.11
C ILE A 271 0.20 12.64 -20.29
N GLN A 272 0.33 11.46 -20.92
CA GLN A 272 -0.62 11.13 -21.99
C GLN A 272 -2.03 10.94 -21.47
N CYS A 273 -2.19 10.30 -20.30
CA CYS A 273 -3.52 10.20 -19.71
C CYS A 273 -4.05 11.57 -19.26
N ALA A 274 -3.19 12.39 -18.67
CA ALA A 274 -3.64 13.70 -18.17
C ALA A 274 -4.12 14.59 -19.31
N LYS A 275 -3.43 14.55 -20.45
CA LYS A 275 -3.83 15.40 -21.57
C LYS A 275 -5.13 14.91 -22.19
N ALA A 276 -5.31 13.59 -22.29
CA ALA A 276 -6.57 13.05 -22.78
C ALA A 276 -7.76 13.48 -21.90
N GLN A 277 -7.58 13.46 -20.58
CA GLN A 277 -8.65 13.93 -19.70
C GLN A 277 -8.85 15.44 -19.77
N ALA A 278 -7.78 16.20 -19.97
CA ALA A 278 -7.88 17.66 -19.93
C ALA A 278 -8.37 18.25 -21.25
N GLY A 279 -8.00 17.64 -22.37
CA GLY A 279 -8.33 18.13 -23.69
C GLY A 279 -7.19 18.90 -24.33
N GLU A 280 -7.23 18.96 -25.66
CA GLU A 280 -6.18 19.67 -26.42
C GLU A 280 -6.02 21.10 -25.91
N GLY A 281 -4.78 21.46 -25.59
CA GLY A 281 -4.46 22.79 -25.14
C GLY A 281 -4.84 23.10 -23.70
N VAL A 282 -5.61 22.24 -23.03
CA VAL A 282 -6.03 22.48 -21.66
C VAL A 282 -4.92 22.01 -20.71
N ARG A 283 -4.51 22.89 -19.80
CA ARG A 283 -3.52 22.54 -18.79
C ARG A 283 -4.13 21.56 -17.80
N PRO A 284 -3.54 20.36 -17.61
CA PRO A 284 -4.17 19.37 -16.72
C PRO A 284 -4.09 19.80 -15.27
N SER A 285 -5.07 19.34 -14.48
CA SER A 285 -5.14 19.64 -13.06
C SER A 285 -4.20 18.74 -12.26
N PRO A 286 -3.97 19.06 -10.97
CA PRO A 286 -3.21 18.10 -10.13
C PRO A 286 -3.86 16.73 -10.05
N MET A 287 -5.20 16.65 -10.00
CA MET A 287 -5.86 15.35 -9.99
C MET A 287 -5.55 14.57 -11.27
N GLN A 288 -5.55 15.26 -12.40
CA GLN A 288 -5.26 14.59 -13.66
C GLN A 288 -3.79 14.20 -13.78
N LEU A 289 -2.89 14.87 -13.04
CA LEU A 289 -1.46 14.61 -13.12
C LEU A 289 -0.95 13.60 -12.08
N GLU A 290 -1.83 12.99 -11.27
CA GLU A 290 -1.38 11.95 -10.36
C GLU A 290 -0.68 10.85 -11.14
N LEU A 291 0.47 10.42 -10.62
CA LEU A 291 1.24 9.36 -11.27
C LEU A 291 0.35 8.15 -11.50
N ARG A 292 0.33 7.68 -12.76
CA ARG A 292 -0.40 6.47 -13.14
C ARG A 292 0.38 5.24 -12.68
N MET A 293 0.38 5.03 -11.37
CA MET A 293 1.18 3.99 -10.73
C MET A 293 0.66 2.59 -11.05
N VAL A 294 -0.64 2.32 -10.81
CA VAL A 294 -1.06 0.92 -10.98
C VAL A 294 -1.05 0.52 -12.46
N GLN A 295 -1.26 1.48 -13.36
CA GLN A 295 -1.21 1.20 -14.79
C GLN A 295 0.21 1.02 -15.32
N SER A 296 1.23 1.31 -14.51
CA SER A 296 2.62 1.15 -14.92
C SER A 296 3.27 -0.10 -14.37
N LYS A 297 2.48 -1.05 -13.87
CA LYS A 297 3.03 -2.24 -13.23
C LYS A 297 4.07 -2.94 -14.13
N ARG A 298 3.77 -3.11 -15.42
CA ARG A 298 4.68 -3.86 -16.29
C ARG A 298 5.98 -3.11 -16.53
N ASP A 299 5.92 -1.77 -16.57
CA ASP A 299 7.16 -0.98 -16.71
C ASP A 299 7.96 -0.99 -15.43
N ILE A 300 7.30 -1.08 -14.27
CA ILE A 300 8.02 -1.25 -13.02
C ILE A 300 8.75 -2.59 -12.99
N GLU A 301 8.06 -3.65 -13.44
CA GLU A 301 8.60 -5.00 -13.38
C GLU A 301 9.83 -5.18 -14.28
N ASP A 302 9.80 -4.59 -15.47
CA ASP A 302 10.85 -4.78 -16.47
C ASP A 302 10.89 -3.56 -17.37
N PRO A 303 11.55 -2.49 -16.92
CA PRO A 303 11.55 -1.25 -17.71
C PRO A 303 12.43 -1.38 -18.94
N GLU A 304 11.86 -1.07 -20.09
CA GLU A 304 12.66 -0.92 -21.30
C GLU A 304 13.62 0.26 -21.10
N ILE A 305 14.91 0.05 -21.33
CA ILE A 305 15.89 1.12 -21.13
C ILE A 305 15.77 2.14 -22.24
N VAL A 306 15.48 3.39 -21.90
CA VAL A 306 15.26 4.42 -22.91
C VAL A 306 16.28 5.54 -22.86
N VAL A 307 17.27 5.47 -21.96
CA VAL A 307 18.38 6.42 -22.01
C VAL A 307 19.58 5.76 -21.36
N GLN A 308 20.71 5.79 -22.07
CA GLN A 308 21.94 5.21 -21.55
C GLN A 308 22.74 6.26 -20.78
N ALA A 309 23.30 5.83 -19.65
CA ALA A 309 24.19 6.71 -18.91
C ALA A 309 25.53 6.79 -19.62
N THR A 310 26.18 7.93 -19.48
CA THR A 310 27.56 8.06 -19.92
C THR A 310 28.49 7.93 -18.72
N VAL A 311 29.66 7.38 -18.98
CA VAL A 311 30.62 7.10 -17.92
C VAL A 311 31.38 8.38 -17.58
N LEU A 312 31.50 8.67 -16.29
CA LEU A 312 32.35 9.74 -15.81
C LEU A 312 33.52 9.15 -14.99
N GLU B 4 -9.64 4.78 -13.20
CA GLU B 4 -10.77 4.15 -13.87
C GLU B 4 -11.76 3.56 -12.86
N CYS B 5 -11.48 2.36 -12.32
CA CYS B 5 -12.32 1.78 -11.28
C CYS B 5 -11.74 2.14 -9.91
N ARG B 6 -12.42 3.05 -9.20
CA ARG B 6 -11.94 3.59 -7.94
C ARG B 6 -12.64 2.93 -6.75
N VAL B 7 -11.85 2.58 -5.75
CA VAL B 7 -12.28 1.87 -4.55
C VAL B 7 -11.84 2.69 -3.35
N LEU B 8 -12.77 2.97 -2.45
CA LEU B 8 -12.42 3.60 -1.18
C LEU B 8 -12.49 2.53 -0.11
N SER B 9 -11.35 2.17 0.44
CA SER B 9 -11.24 1.09 1.42
C SER B 9 -10.88 1.69 2.78
N ILE B 10 -11.76 1.48 3.76
CA ILE B 10 -11.64 2.08 5.08
C ILE B 10 -11.41 0.93 6.05
N GLN B 11 -10.15 0.65 6.39
CA GLN B 11 -9.77 -0.55 7.12
C GLN B 11 -8.47 -0.28 7.87
N SER B 12 -8.08 -1.25 8.68
CA SER B 12 -6.90 -1.13 9.53
C SER B 12 -5.63 -1.08 8.69
N HIS B 13 -4.61 -0.41 9.23
CA HIS B 13 -3.25 -0.48 8.72
C HIS B 13 -2.33 -1.05 9.80
N VAL B 14 -1.43 -1.95 9.40
CA VAL B 14 -0.35 -2.39 10.27
C VAL B 14 0.97 -2.13 9.56
N ILE B 15 2.02 -1.90 10.35
CA ILE B 15 3.35 -1.66 9.79
C ILE B 15 3.94 -2.98 9.30
N ARG B 16 4.04 -3.95 10.18
CA ARG B 16 4.44 -5.31 9.81
C ARG B 16 3.19 -6.18 9.64
N GLY B 17 3.10 -6.90 8.53
CA GLY B 17 2.06 -7.89 8.34
C GLY B 17 1.00 -7.46 7.34
N TYR B 18 -0.01 -8.34 7.20
CA TYR B 18 -1.07 -8.19 6.19
C TYR B 18 -2.44 -8.49 6.80
N VAL B 19 -3.09 -7.44 7.31
CA VAL B 19 -4.50 -7.47 7.68
C VAL B 19 -5.09 -6.16 7.21
N GLY B 20 -6.41 -6.12 7.15
CA GLY B 20 -7.09 -4.86 6.83
C GLY B 20 -6.68 -4.33 5.47
N ASN B 21 -6.41 -3.03 5.41
CA ASN B 21 -5.97 -2.41 4.17
C ASN B 21 -4.65 -2.99 3.67
N ARG B 22 -3.82 -3.53 4.57
CA ARG B 22 -2.58 -4.19 4.13
C ARG B 22 -2.88 -5.46 3.36
N ALA B 23 -3.94 -6.20 3.74
CA ALA B 23 -4.32 -7.39 2.97
C ALA B 23 -5.05 -7.03 1.68
N ALA B 24 -5.80 -5.92 1.66
CA ALA B 24 -6.67 -5.61 0.54
C ALA B 24 -5.99 -4.78 -0.56
N THR B 25 -5.04 -3.93 -0.21
CA THR B 25 -4.61 -2.89 -1.16
C THR B 25 -3.75 -3.46 -2.27
N PHE B 26 -2.61 -4.07 -1.92
CA PHE B 26 -1.71 -4.60 -2.95
C PHE B 26 -2.43 -5.50 -3.94
N PRO B 27 -3.23 -6.50 -3.53
CA PRO B 27 -3.92 -7.31 -4.56
C PRO B 27 -4.87 -6.52 -5.45
N LEU B 28 -5.61 -5.55 -4.91
CA LEU B 28 -6.48 -4.77 -5.79
C LEU B 28 -5.66 -3.86 -6.72
N GLN B 29 -4.51 -3.36 -6.25
CA GLN B 29 -3.63 -2.57 -7.12
C GLN B 29 -3.10 -3.44 -8.27
N VAL B 30 -2.62 -4.64 -7.92
CA VAL B 30 -2.14 -5.61 -8.90
C VAL B 30 -3.20 -5.90 -9.96
N LEU B 31 -4.48 -5.97 -9.54
CA LEU B 31 -5.56 -6.23 -10.47
C LEU B 31 -6.03 -4.98 -11.22
N GLY B 32 -5.42 -3.83 -10.97
CA GLY B 32 -5.69 -2.64 -11.74
C GLY B 32 -6.71 -1.68 -11.16
N PHE B 33 -7.10 -1.85 -9.90
CA PHE B 33 -8.03 -0.92 -9.29
C PHE B 33 -7.26 0.27 -8.73
N GLU B 34 -7.85 1.46 -8.88
CA GLU B 34 -7.43 2.69 -8.21
C GLU B 34 -8.00 2.65 -6.79
N ILE B 35 -7.30 1.96 -5.88
CA ILE B 35 -7.80 1.79 -4.52
C ILE B 35 -7.18 2.85 -3.61
N ASP B 36 -8.04 3.60 -2.93
CA ASP B 36 -7.65 4.63 -1.98
C ASP B 36 -7.86 4.08 -0.58
N ALA B 37 -6.82 4.12 0.23
CA ALA B 37 -6.79 3.45 1.53
C ALA B 37 -6.94 4.49 2.64
N VAL B 38 -8.08 4.46 3.33
CA VAL B 38 -8.26 5.21 4.57
C VAL B 38 -7.89 4.28 5.70
N ASN B 39 -6.85 4.62 6.46
CA ASN B 39 -6.35 3.76 7.52
C ASN B 39 -7.07 4.10 8.82
N SER B 40 -7.96 3.22 9.24
CA SER B 40 -8.79 3.45 10.42
C SER B 40 -8.00 3.25 11.70
N VAL B 41 -6.89 2.51 11.65
CA VAL B 41 -5.90 2.48 12.71
C VAL B 41 -4.53 2.38 12.03
N GLN B 42 -3.49 2.66 12.80
CA GLN B 42 -2.11 2.39 12.42
C GLN B 42 -1.46 1.71 13.63
N PHE B 43 -1.28 0.39 13.54
CA PHE B 43 -0.65 -0.40 14.59
C PHE B 43 0.64 -0.99 14.09
N SER B 44 1.54 -1.33 15.02
CA SER B 44 2.79 -1.98 14.63
C SER B 44 2.53 -3.32 13.95
N ASN B 45 1.49 -4.03 14.37
CA ASN B 45 1.17 -5.37 13.86
C ASN B 45 -0.24 -5.71 14.35
N HIS B 46 -0.73 -6.89 13.96
CA HIS B 46 -2.07 -7.27 14.38
C HIS B 46 -2.06 -7.79 15.82
N THR B 47 -3.26 -7.92 16.40
CA THR B 47 -3.39 -8.19 17.83
C THR B 47 -3.25 -9.68 18.18
N GLY B 48 -2.96 -10.54 17.21
CA GLY B 48 -2.61 -11.91 17.51
C GLY B 48 -1.20 -12.10 18.03
N TYR B 49 -0.38 -11.05 18.00
CA TYR B 49 0.96 -11.11 18.58
C TYR B 49 0.89 -10.82 20.07
N ALA B 50 2.00 -11.12 20.77
CA ALA B 50 2.08 -10.86 22.19
C ALA B 50 1.92 -9.38 22.52
N HIS B 51 2.48 -8.50 21.68
CA HIS B 51 2.40 -7.06 21.91
C HIS B 51 1.96 -6.35 20.64
N TRP B 52 1.40 -5.15 20.83
CA TRP B 52 1.11 -4.26 19.71
C TRP B 52 0.92 -2.86 20.26
N LYS B 53 1.31 -1.87 19.46
CA LYS B 53 1.20 -0.47 19.80
C LYS B 53 0.65 0.26 18.59
N GLY B 54 0.01 1.39 18.83
CA GLY B 54 -0.47 2.19 17.72
C GLY B 54 -1.55 3.17 18.14
N GLN B 55 -2.12 3.81 17.12
CA GLN B 55 -3.10 4.88 17.27
C GLN B 55 -4.32 4.56 16.42
N VAL B 56 -5.47 5.03 16.88
CA VAL B 56 -6.76 4.80 16.24
C VAL B 56 -7.19 6.08 15.55
N LEU B 57 -7.77 5.96 14.36
CA LEU B 57 -8.41 7.10 13.72
C LEU B 57 -9.80 7.30 14.33
N ASN B 58 -10.13 8.52 14.76
CA ASN B 58 -11.46 8.73 15.31
C ASN B 58 -12.41 9.28 14.26
N SER B 59 -13.71 9.35 14.63
CA SER B 59 -14.72 9.65 13.63
C SER B 59 -14.61 11.08 13.12
N ASP B 60 -14.13 12.00 13.96
CA ASP B 60 -13.90 13.37 13.49
C ASP B 60 -12.77 13.40 12.46
N GLU B 61 -11.72 12.61 12.67
CA GLU B 61 -10.60 12.58 11.74
C GLU B 61 -11.00 11.94 10.42
N LEU B 62 -11.79 10.86 10.46
CA LEU B 62 -12.38 10.30 9.26
C LEU B 62 -13.18 11.35 8.49
N GLN B 63 -14.04 12.10 9.19
CA GLN B 63 -14.83 13.12 8.51
C GLN B 63 -13.94 14.19 7.90
N GLU B 64 -12.89 14.59 8.64
CA GLU B 64 -11.94 15.57 8.11
C GLU B 64 -11.34 15.07 6.80
N LEU B 65 -10.89 13.81 6.77
CA LEU B 65 -10.30 13.23 5.56
C LEU B 65 -11.29 13.27 4.41
N TYR B 66 -12.54 12.83 4.65
CA TYR B 66 -13.54 12.83 3.58
C TYR B 66 -13.83 14.24 3.08
N GLU B 67 -13.89 15.20 3.99
CA GLU B 67 -14.10 16.59 3.59
C GLU B 67 -13.02 17.08 2.62
N GLY B 68 -11.76 16.70 2.86
CA GLY B 68 -10.71 17.05 1.92
C GLY B 68 -11.00 16.52 0.53
N LEU B 69 -11.43 15.26 0.45
CA LEU B 69 -11.80 14.68 -0.84
C LEU B 69 -12.97 15.43 -1.45
N ARG B 70 -13.99 15.71 -0.63
CA ARG B 70 -15.19 16.33 -1.19
C ARG B 70 -14.87 17.74 -1.69
N LEU B 71 -14.05 18.49 -0.94
CA LEU B 71 -13.70 19.85 -1.37
C LEU B 71 -12.99 19.85 -2.71
N ASN B 72 -12.27 18.77 -3.04
CA ASN B 72 -11.60 18.67 -4.32
C ASN B 72 -12.44 17.98 -5.37
N ASN B 73 -13.71 17.70 -5.08
CA ASN B 73 -14.61 16.96 -5.97
C ASN B 73 -14.04 15.57 -6.28
N MET B 74 -13.39 14.97 -5.28
CA MET B 74 -12.80 13.64 -5.38
C MET B 74 -13.63 12.58 -4.66
N ASN B 75 -14.91 12.82 -4.47
CA ASN B 75 -15.76 11.85 -3.79
C ASN B 75 -16.66 11.12 -4.78
N LYS B 76 -16.03 10.64 -5.86
CA LYS B 76 -16.68 9.86 -6.92
C LYS B 76 -15.98 8.50 -6.93
N TYR B 77 -16.61 7.51 -6.31
CA TYR B 77 -16.04 6.18 -6.19
C TYR B 77 -16.96 5.15 -6.81
N ASP B 78 -16.38 4.08 -7.33
CA ASP B 78 -17.16 2.97 -7.86
C ASP B 78 -17.47 1.92 -6.80
N TYR B 79 -16.63 1.81 -5.76
CA TYR B 79 -16.80 0.84 -4.69
C TYR B 79 -16.40 1.50 -3.38
N VAL B 80 -17.04 1.07 -2.32
CA VAL B 80 -16.51 1.26 -0.98
C VAL B 80 -16.28 -0.15 -0.41
N LEU B 81 -15.23 -0.31 0.39
CA LEU B 81 -14.87 -1.59 0.98
C LEU B 81 -14.57 -1.37 2.46
N THR B 82 -15.29 -2.08 3.33
CA THR B 82 -15.02 -2.02 4.76
C THR B 82 -14.95 -3.41 5.37
N GLY B 83 -14.32 -3.48 6.53
CA GLY B 83 -14.23 -4.72 7.29
C GLY B 83 -14.25 -4.45 8.78
N TYR B 84 -13.23 -4.91 9.50
CA TYR B 84 -13.23 -4.83 10.95
C TYR B 84 -13.28 -3.38 11.43
N THR B 85 -14.27 -3.10 12.28
CA THR B 85 -14.41 -1.80 12.94
C THR B 85 -14.77 -2.09 14.38
N ARG B 86 -14.11 -1.42 15.32
CA ARG B 86 -14.40 -1.64 16.73
C ARG B 86 -15.35 -0.61 17.30
N ASP B 87 -15.45 0.55 16.66
CA ASP B 87 -16.00 1.74 17.29
C ASP B 87 -17.32 2.15 16.65
N LYS B 88 -18.33 2.36 17.49
CA LYS B 88 -19.67 2.58 16.96
C LYS B 88 -19.78 3.91 16.24
N SER B 89 -19.26 4.98 16.83
CA SER B 89 -19.31 6.27 16.15
C SER B 89 -18.51 6.26 14.85
N PHE B 90 -17.42 5.50 14.79
CA PHE B 90 -16.67 5.39 13.54
C PHE B 90 -17.51 4.72 12.46
N LEU B 91 -18.10 3.57 12.80
CA LEU B 91 -18.99 2.88 11.86
C LEU B 91 -20.14 3.78 11.42
N ALA B 92 -20.65 4.63 12.33
CA ALA B 92 -21.74 5.53 11.95
C ALA B 92 -21.27 6.58 10.96
N MET B 93 -20.04 7.10 11.15
CA MET B 93 -19.44 8.00 10.16
C MET B 93 -19.30 7.32 8.79
N VAL B 94 -18.83 6.08 8.77
CA VAL B 94 -18.70 5.32 7.52
C VAL B 94 -20.03 5.27 6.78
N VAL B 95 -21.10 4.94 7.51
CA VAL B 95 -22.43 4.91 6.91
C VAL B 95 -22.77 6.27 6.30
N ASP B 96 -22.54 7.35 7.07
CA ASP B 96 -22.83 8.69 6.54
C ASP B 96 -22.06 8.93 5.26
N ILE B 97 -20.77 8.54 5.25
CA ILE B 97 -19.94 8.73 4.06
C ILE B 97 -20.47 7.89 2.90
N VAL B 98 -20.74 6.60 3.15
CA VAL B 98 -21.27 5.75 2.08
C VAL B 98 -22.59 6.32 1.55
N GLN B 99 -23.47 6.76 2.45
CA GLN B 99 -24.70 7.42 2.01
C GLN B 99 -24.40 8.56 1.05
N GLU B 100 -23.42 9.41 1.39
CA GLU B 100 -23.17 10.55 0.53
C GLU B 100 -22.49 10.13 -0.77
N LEU B 101 -21.59 9.15 -0.71
CA LEU B 101 -20.97 8.66 -1.94
C LEU B 101 -22.01 8.04 -2.86
N LYS B 102 -23.02 7.36 -2.29
CA LYS B 102 -24.10 6.83 -3.12
C LYS B 102 -24.96 7.94 -3.71
N GLN B 103 -25.12 9.06 -3.02
CA GLN B 103 -25.79 10.20 -3.65
C GLN B 103 -24.98 10.74 -4.82
N GLN B 104 -23.64 10.80 -4.66
CA GLN B 104 -22.78 11.23 -5.75
C GLN B 104 -22.81 10.23 -6.91
N ASN B 105 -22.79 8.93 -6.61
CA ASN B 105 -22.78 7.90 -7.63
C ASN B 105 -23.78 6.82 -7.23
N PRO B 106 -24.99 6.84 -7.82
CA PRO B 106 -26.00 5.82 -7.49
C PRO B 106 -25.59 4.40 -7.84
N ARG B 107 -24.64 4.21 -8.75
CA ARG B 107 -24.18 2.88 -9.11
C ARG B 107 -23.03 2.37 -8.23
N LEU B 108 -22.62 3.14 -7.22
CA LEU B 108 -21.57 2.70 -6.31
C LEU B 108 -21.95 1.40 -5.61
N VAL B 109 -20.99 0.47 -5.52
CA VAL B 109 -21.18 -0.83 -4.90
C VAL B 109 -20.45 -0.82 -3.57
N TYR B 110 -21.19 -0.99 -2.49
CA TYR B 110 -20.60 -1.05 -1.15
C TYR B 110 -20.38 -2.52 -0.78
N VAL B 111 -19.10 -2.91 -0.61
CA VAL B 111 -18.71 -4.27 -0.21
C VAL B 111 -18.38 -4.24 1.27
N CYS B 112 -19.13 -5.01 2.05
CA CYS B 112 -19.03 -4.95 3.51
C CYS B 112 -18.73 -6.33 4.05
N ASP B 113 -17.60 -6.47 4.74
CA ASP B 113 -17.35 -7.64 5.57
C ASP B 113 -17.82 -7.28 6.98
N PRO B 114 -18.94 -7.84 7.45
CA PRO B 114 -19.56 -7.37 8.72
C PRO B 114 -18.94 -8.08 9.92
N VAL B 115 -17.74 -7.65 10.29
CA VAL B 115 -16.90 -8.42 11.20
C VAL B 115 -17.45 -8.28 12.62
N LEU B 116 -17.93 -9.39 13.18
CA LEU B 116 -18.53 -9.44 14.50
C LEU B 116 -17.89 -10.49 15.39
N GLY B 117 -17.56 -11.66 14.85
CA GLY B 117 -17.00 -12.72 15.65
C GLY B 117 -16.93 -14.00 14.84
N ASP B 118 -16.72 -15.11 15.55
CA ASP B 118 -16.59 -16.41 14.89
C ASP B 118 -16.90 -17.51 15.90
N LYS B 119 -17.07 -18.72 15.36
CA LYS B 119 -17.37 -19.92 16.13
C LYS B 119 -16.08 -20.69 16.36
N TRP B 120 -15.81 -21.08 17.62
CA TRP B 120 -14.70 -21.96 17.96
C TRP B 120 -15.27 -23.19 18.66
N ASP B 121 -15.17 -24.35 17.99
CA ASP B 121 -15.83 -25.58 18.43
C ASP B 121 -17.33 -25.36 18.63
N GLY B 122 -17.97 -24.80 17.61
CA GLY B 122 -19.39 -24.52 17.66
C GLY B 122 -19.77 -23.35 18.54
N GLU B 123 -18.88 -23.02 19.50
CA GLU B 123 -19.14 -21.95 20.45
C GLU B 123 -18.86 -20.59 19.83
N GLY B 124 -19.84 -19.70 19.87
CA GLY B 124 -19.65 -18.36 19.34
C GLY B 124 -19.00 -17.43 20.34
N SER B 125 -18.09 -16.61 19.84
CA SER B 125 -17.46 -15.56 20.63
C SER B 125 -17.28 -14.33 19.75
N MET B 126 -17.31 -13.15 20.37
CA MET B 126 -17.43 -11.93 19.61
C MET B 126 -16.13 -11.15 19.57
N TYR B 127 -15.94 -10.41 18.47
CA TYR B 127 -14.73 -9.65 18.23
C TYR B 127 -14.92 -8.16 18.49
N VAL B 128 -16.16 -7.70 18.54
CA VAL B 128 -16.47 -6.28 18.62
C VAL B 128 -17.50 -6.08 19.74
N PRO B 129 -17.62 -4.86 20.25
CA PRO B 129 -18.64 -4.59 21.27
C PRO B 129 -20.05 -4.85 20.76
N GLU B 130 -20.93 -5.21 21.70
CA GLU B 130 -22.30 -5.59 21.37
C GLU B 130 -23.05 -4.50 20.64
N ASP B 131 -22.86 -3.24 21.02
CA ASP B 131 -23.64 -2.16 20.42
C ASP B 131 -23.35 -1.95 18.93
N LEU B 132 -22.39 -2.69 18.36
CA LEU B 132 -22.16 -2.63 16.93
C LEU B 132 -23.22 -3.42 16.16
N LEU B 133 -23.73 -4.51 16.75
CA LEU B 133 -24.70 -5.33 16.06
C LEU B 133 -25.94 -4.55 15.61
N PRO B 134 -26.57 -3.70 16.44
CA PRO B 134 -27.72 -2.92 15.92
C PRO B 134 -27.34 -2.00 14.78
N VAL B 135 -26.14 -1.42 14.81
CA VAL B 135 -25.69 -0.54 13.73
C VAL B 135 -25.60 -1.33 12.43
N TYR B 136 -24.96 -2.51 12.48
CA TYR B 136 -24.87 -3.32 11.27
C TYR B 136 -26.26 -3.70 10.75
N LYS B 137 -27.15 -4.13 11.64
CA LYS B 137 -28.49 -4.58 11.22
C LYS B 137 -29.31 -3.44 10.62
N GLU B 138 -29.27 -2.27 11.23
CA GLU B 138 -30.18 -1.20 10.85
C GLU B 138 -29.57 -0.16 9.93
N LYS B 139 -28.26 0.00 9.90
CA LYS B 139 -27.64 1.02 9.06
C LYS B 139 -26.66 0.46 8.03
N VAL B 140 -25.80 -0.50 8.41
CA VAL B 140 -24.76 -0.94 7.49
C VAL B 140 -25.31 -1.91 6.45
N VAL B 141 -25.84 -3.05 6.90
CA VAL B 141 -26.33 -4.06 5.95
C VAL B 141 -27.36 -3.48 4.98
N PRO B 142 -28.34 -2.66 5.41
CA PRO B 142 -29.27 -2.08 4.42
C PRO B 142 -28.59 -1.27 3.32
N LEU B 143 -27.45 -0.63 3.62
CA LEU B 143 -26.69 0.12 2.63
C LEU B 143 -25.78 -0.77 1.76
N ALA B 144 -25.35 -1.92 2.28
CA ALA B 144 -24.38 -2.76 1.60
C ALA B 144 -24.98 -3.46 0.39
N ASP B 145 -24.15 -3.67 -0.64
CA ASP B 145 -24.55 -4.38 -1.84
C ASP B 145 -23.98 -5.79 -1.92
N ILE B 146 -22.80 -6.01 -1.34
CA ILE B 146 -22.17 -7.32 -1.23
C ILE B 146 -21.70 -7.46 0.22
N ILE B 147 -22.11 -8.54 0.89
CA ILE B 147 -21.65 -8.80 2.24
C ILE B 147 -21.05 -10.19 2.31
N THR B 148 -20.08 -10.35 3.22
CA THR B 148 -19.32 -11.60 3.36
C THR B 148 -19.30 -12.06 4.82
N PRO B 149 -20.46 -12.30 5.43
CA PRO B 149 -20.45 -12.82 6.80
C PRO B 149 -19.92 -14.26 6.84
N ASN B 150 -19.28 -14.62 7.95
CA ASN B 150 -19.17 -16.05 8.22
C ASN B 150 -20.51 -16.56 8.73
N GLN B 151 -20.61 -17.85 9.06
CA GLN B 151 -21.89 -18.39 9.52
C GLN B 151 -22.34 -17.70 10.80
N PHE B 152 -21.44 -17.54 11.76
CA PHE B 152 -21.77 -16.92 13.02
C PHE B 152 -22.31 -15.51 12.80
N GLU B 153 -21.66 -14.75 11.91
CA GLU B 153 -22.12 -13.40 11.62
C GLU B 153 -23.47 -13.42 10.92
N ALA B 154 -23.69 -14.39 10.02
CA ALA B 154 -24.99 -14.50 9.37
C ALA B 154 -26.10 -14.79 10.39
N GLU B 155 -25.81 -15.62 11.41
CA GLU B 155 -26.78 -15.89 12.46
C GLU B 155 -27.07 -14.65 13.30
N LEU B 156 -26.02 -13.88 13.65
CA LEU B 156 -26.21 -12.67 14.43
C LEU B 156 -27.02 -11.63 13.65
N LEU B 157 -26.73 -11.48 12.35
CA LEU B 157 -27.41 -10.45 11.58
C LEU B 157 -28.87 -10.81 11.36
N SER B 158 -29.15 -12.09 11.15
CA SER B 158 -30.50 -12.54 10.83
C SER B 158 -31.31 -12.92 12.06
N GLY B 159 -30.66 -13.21 13.18
CA GLY B 159 -31.33 -13.68 14.37
C GLY B 159 -31.66 -15.16 14.43
N ARG B 160 -31.32 -15.95 13.42
CA ARG B 160 -31.62 -17.37 13.41
C ARG B 160 -30.34 -18.21 13.49
N LYS B 161 -30.48 -19.40 14.07
CA LYS B 161 -29.41 -20.39 14.00
C LYS B 161 -29.40 -21.07 12.64
N ILE B 162 -28.22 -21.50 12.21
CA ILE B 162 -28.07 -22.25 10.98
C ILE B 162 -27.57 -23.65 11.33
N HIS B 163 -28.36 -24.67 10.98
CA HIS B 163 -28.02 -26.07 11.20
C HIS B 163 -27.82 -26.84 9.92
N SER B 164 -28.06 -26.24 8.76
CA SER B 164 -28.07 -26.97 7.50
C SER B 164 -27.87 -26.00 6.36
N GLN B 165 -27.58 -26.56 5.18
CA GLN B 165 -27.52 -25.78 3.96
C GLN B 165 -28.82 -25.03 3.70
N GLU B 166 -29.94 -25.74 3.79
CA GLU B 166 -31.22 -25.12 3.50
C GLU B 166 -31.48 -23.95 4.45
N GLU B 167 -31.12 -24.11 5.72
CA GLU B 167 -31.33 -23.03 6.66
C GLU B 167 -30.42 -21.85 6.34
N ALA B 168 -29.17 -22.14 5.93
CA ALA B 168 -28.26 -21.06 5.57
C ALA B 168 -28.81 -20.28 4.37
N LEU B 169 -29.33 -21.00 3.36
CA LEU B 169 -29.88 -20.32 2.19
C LEU B 169 -31.11 -19.51 2.55
N ARG B 170 -31.91 -19.96 3.50
CA ARG B 170 -33.06 -19.16 3.94
C ARG B 170 -32.57 -17.92 4.68
N VAL B 171 -31.50 -18.04 5.47
CA VAL B 171 -30.95 -16.87 6.15
C VAL B 171 -30.37 -15.90 5.13
N MET B 172 -29.72 -16.42 4.08
CA MET B 172 -29.21 -15.56 3.03
C MET B 172 -30.34 -14.79 2.36
N ASP B 173 -31.51 -15.43 2.20
CA ASP B 173 -32.66 -14.73 1.64
C ASP B 173 -33.12 -13.61 2.57
N MET B 174 -33.10 -13.82 3.88
CA MET B 174 -33.41 -12.72 4.78
C MET B 174 -32.38 -11.60 4.68
N LEU B 175 -31.10 -11.93 4.51
CA LEU B 175 -30.09 -10.88 4.32
C LEU B 175 -30.34 -10.09 3.04
N HIS B 176 -30.69 -10.79 1.95
CA HIS B 176 -31.05 -10.15 0.70
C HIS B 176 -32.18 -9.13 0.91
N SER B 177 -33.22 -9.55 1.63
CA SER B 177 -34.36 -8.67 1.88
C SER B 177 -33.97 -7.48 2.75
N MET B 178 -32.90 -7.59 3.53
CA MET B 178 -32.41 -6.42 4.27
C MET B 178 -31.71 -5.42 3.36
N GLY B 179 -31.24 -5.84 2.17
CA GLY B 179 -30.52 -4.93 1.29
C GLY B 179 -29.63 -5.56 0.23
N PRO B 180 -28.55 -6.22 0.68
CA PRO B 180 -27.51 -6.69 -0.26
C PRO B 180 -28.02 -7.62 -1.34
N ASP B 181 -27.63 -7.35 -2.59
CA ASP B 181 -27.91 -8.24 -3.71
C ASP B 181 -26.96 -9.44 -3.77
N THR B 182 -25.78 -9.37 -3.15
CA THR B 182 -24.86 -10.51 -3.11
C THR B 182 -24.52 -10.83 -1.66
N VAL B 183 -24.67 -12.10 -1.30
CA VAL B 183 -24.37 -12.57 0.04
C VAL B 183 -23.51 -13.81 -0.09
N VAL B 184 -22.36 -13.82 0.56
CA VAL B 184 -21.50 -15.00 0.57
C VAL B 184 -21.23 -15.36 2.02
N ILE B 185 -21.59 -16.59 2.41
CA ILE B 185 -21.27 -17.09 3.75
C ILE B 185 -19.94 -17.82 3.62
N THR B 186 -18.90 -17.25 4.20
CA THR B 186 -17.50 -17.49 3.83
C THR B 186 -16.85 -18.64 4.58
N SER B 187 -17.47 -19.08 5.66
CA SER B 187 -17.07 -20.29 6.35
C SER B 187 -18.27 -20.74 7.15
N SER B 188 -18.34 -22.04 7.44
CA SER B 188 -19.46 -22.59 8.19
C SER B 188 -19.03 -23.83 8.95
N ASP B 189 -19.95 -24.30 9.81
CA ASP B 189 -19.86 -25.56 10.50
C ASP B 189 -20.58 -26.67 9.75
N LEU B 190 -21.02 -26.38 8.53
CA LEU B 190 -21.84 -27.32 7.78
C LEU B 190 -21.00 -28.50 7.31
N PRO B 191 -21.60 -29.68 7.23
CA PRO B 191 -20.82 -30.87 6.83
C PRO B 191 -20.60 -30.91 5.33
N SER B 192 -19.51 -31.58 4.94
CA SER B 192 -19.16 -31.76 3.55
C SER B 192 -19.01 -33.23 3.22
N PRO B 193 -19.58 -33.71 2.12
CA PRO B 193 -19.36 -35.12 1.74
C PRO B 193 -17.91 -35.43 1.44
N GLN B 194 -17.06 -34.41 1.27
CA GLN B 194 -15.67 -34.65 0.89
C GLN B 194 -14.80 -35.05 2.07
N GLY B 195 -15.30 -35.00 3.29
CA GLY B 195 -14.53 -35.36 4.45
C GLY B 195 -14.67 -34.34 5.56
N SER B 196 -14.14 -34.72 6.73
CA SER B 196 -14.22 -33.88 7.91
C SER B 196 -13.36 -32.62 7.79
N ASN B 197 -12.35 -32.63 6.92
CA ASN B 197 -11.39 -31.53 6.81
C ASN B 197 -11.82 -30.49 5.77
N TYR B 198 -13.12 -30.38 5.49
CA TYR B 198 -13.67 -29.43 4.53
C TYR B 198 -14.65 -28.49 5.21
N LEU B 199 -14.73 -27.27 4.68
CA LEU B 199 -15.78 -26.32 5.03
C LEU B 199 -16.59 -25.95 3.78
N ILE B 200 -17.81 -25.48 4.01
CA ILE B 200 -18.73 -25.08 2.95
C ILE B 200 -18.68 -23.57 2.81
N VAL B 201 -18.62 -23.11 1.56
CA VAL B 201 -18.87 -21.71 1.22
C VAL B 201 -20.13 -21.68 0.37
N LEU B 202 -21.04 -20.77 0.69
CA LEU B 202 -22.29 -20.63 -0.04
C LEU B 202 -22.43 -19.19 -0.50
N GLY B 203 -22.88 -19.01 -1.74
CA GLY B 203 -23.04 -17.68 -2.29
C GLY B 203 -24.41 -17.56 -2.93
N SER B 204 -24.97 -16.36 -2.83
CA SER B 204 -26.27 -16.07 -3.42
C SER B 204 -26.27 -14.67 -3.99
N GLN B 205 -26.69 -14.52 -5.24
CA GLN B 205 -26.71 -13.23 -5.90
C GLN B 205 -28.04 -13.01 -6.58
N ARG B 206 -28.67 -11.87 -6.27
CA ARG B 206 -29.90 -11.42 -6.92
C ARG B 206 -29.54 -10.42 -8.00
N ARG B 207 -30.03 -10.65 -9.22
CA ARG B 207 -29.71 -9.76 -10.33
C ARG B 207 -30.84 -9.78 -11.36
N ARG B 208 -30.69 -8.98 -12.42
CA ARG B 208 -31.67 -8.86 -13.49
C ARG B 208 -31.08 -9.40 -14.79
N ASN B 209 -31.89 -10.18 -15.53
CA ASN B 209 -31.37 -10.91 -16.70
C ASN B 209 -31.54 -10.18 -18.04
N GLY B 212 -34.92 -8.70 -18.25
CA GLY B 212 -34.95 -7.77 -17.13
C GLY B 212 -35.83 -8.19 -15.97
N SER B 213 -35.85 -9.48 -15.68
CA SER B 213 -36.55 -10.03 -14.53
C SER B 213 -35.57 -10.31 -13.39
N VAL B 214 -36.11 -10.45 -12.18
CA VAL B 214 -35.31 -10.75 -11.00
C VAL B 214 -34.99 -12.25 -11.00
N VAL B 215 -33.70 -12.58 -11.17
CA VAL B 215 -33.25 -13.97 -11.14
C VAL B 215 -32.25 -14.13 -10.00
N MET B 216 -32.06 -15.38 -9.57
CA MET B 216 -31.19 -15.70 -8.46
C MET B 216 -30.16 -16.72 -8.91
N GLU B 217 -28.90 -16.50 -8.54
CA GLU B 217 -27.84 -17.49 -8.69
C GLU B 217 -27.37 -17.92 -7.31
N ARG B 218 -27.40 -19.22 -7.05
CA ARG B 218 -26.91 -19.76 -5.79
C ARG B 218 -25.84 -20.79 -6.08
N ILE B 219 -24.73 -20.74 -5.31
CA ILE B 219 -23.59 -21.62 -5.53
C ILE B 219 -23.11 -22.18 -4.21
N ARG B 220 -22.41 -23.30 -4.31
CA ARG B 220 -21.83 -23.97 -3.17
C ARG B 220 -20.41 -24.40 -3.53
N MET B 221 -19.51 -24.32 -2.56
CA MET B 221 -18.17 -24.87 -2.75
C MET B 221 -17.75 -25.58 -1.48
N ASP B 222 -17.04 -26.69 -1.67
CA ASP B 222 -16.47 -27.48 -0.58
C ASP B 222 -14.96 -27.32 -0.67
N ILE B 223 -14.36 -26.73 0.36
CA ILE B 223 -12.98 -26.29 0.32
C ILE B 223 -12.22 -26.98 1.44
N ARG B 224 -11.12 -27.62 1.08
CA ARG B 224 -10.25 -28.27 2.05
C ARG B 224 -9.56 -27.23 2.92
N LYS B 225 -9.87 -27.23 4.21
CA LYS B 225 -9.38 -26.18 5.09
C LYS B 225 -7.94 -26.51 5.49
N VAL B 226 -6.99 -25.69 5.02
CA VAL B 226 -5.60 -25.82 5.45
C VAL B 226 -5.51 -25.50 6.94
N ASP B 227 -4.65 -26.23 7.65
CA ASP B 227 -4.63 -26.21 9.12
C ASP B 227 -3.64 -25.18 9.63
N ALA B 228 -4.15 -23.98 9.94
CA ALA B 228 -3.40 -22.94 10.62
C ALA B 228 -4.34 -21.80 10.93
N VAL B 229 -3.95 -20.99 11.92
CA VAL B 229 -4.67 -19.78 12.28
C VAL B 229 -4.03 -18.64 11.47
N PHE B 230 -4.69 -18.23 10.40
CA PHE B 230 -4.26 -17.08 9.62
C PHE B 230 -5.06 -15.85 10.03
N VAL B 231 -4.41 -14.69 9.96
CA VAL B 231 -5.06 -13.41 10.17
C VAL B 231 -5.11 -12.68 8.83
N GLY B 232 -6.22 -11.98 8.59
CA GLY B 232 -6.40 -11.21 7.37
C GLY B 232 -7.06 -11.96 6.24
N THR B 233 -7.42 -13.24 6.46
CA THR B 233 -8.05 -14.05 5.41
C THR B 233 -9.39 -13.48 4.96
N GLY B 234 -10.22 -13.07 5.93
CA GLY B 234 -11.50 -12.47 5.58
C GLY B 234 -11.35 -11.15 4.85
N ASP B 235 -10.32 -10.37 5.21
CA ASP B 235 -10.07 -9.11 4.50
C ASP B 235 -9.68 -9.38 3.05
N LEU B 236 -8.78 -10.33 2.82
CA LEU B 236 -8.39 -10.67 1.46
C LEU B 236 -9.57 -11.25 0.68
N PHE B 237 -10.40 -12.05 1.34
CA PHE B 237 -11.53 -12.64 0.65
C PHE B 237 -12.48 -11.56 0.13
N ALA B 238 -12.80 -10.57 0.96
CA ALA B 238 -13.72 -9.52 0.53
C ALA B 238 -13.14 -8.68 -0.58
N ALA B 239 -11.84 -8.35 -0.48
CA ALA B 239 -11.18 -7.61 -1.55
C ALA B 239 -11.22 -8.36 -2.86
N MET B 240 -10.92 -9.66 -2.84
CA MET B 240 -10.93 -10.37 -4.11
C MET B 240 -12.33 -10.70 -4.62
N LEU B 241 -13.29 -10.93 -3.73
CA LEU B 241 -14.68 -11.01 -4.19
C LEU B 241 -15.09 -9.71 -4.90
N LEU B 242 -14.73 -8.56 -4.33
CA LEU B 242 -14.95 -7.28 -5.01
C LEU B 242 -14.37 -7.33 -6.40
N ALA B 243 -13.09 -7.70 -6.51
CA ALA B 243 -12.40 -7.69 -7.80
C ALA B 243 -13.07 -8.62 -8.80
N TRP B 244 -13.36 -9.87 -8.39
CA TRP B 244 -13.79 -10.83 -9.40
C TRP B 244 -15.28 -10.71 -9.70
N THR B 245 -16.12 -10.29 -8.74
CA THR B 245 -17.48 -9.94 -9.14
C THR B 245 -17.48 -8.72 -10.06
N HIS B 246 -16.53 -7.79 -9.89
CA HIS B 246 -16.41 -6.69 -10.85
C HIS B 246 -16.10 -7.22 -12.25
N LYS B 247 -15.11 -8.13 -12.37
CA LYS B 247 -14.76 -8.66 -13.70
C LYS B 247 -15.84 -9.59 -14.26
N HIS B 248 -16.59 -10.28 -13.40
CA HIS B 248 -17.61 -11.25 -13.83
C HIS B 248 -18.94 -10.93 -13.17
N PRO B 249 -19.59 -9.84 -13.57
CA PRO B 249 -20.78 -9.38 -12.83
C PRO B 249 -21.98 -10.31 -12.94
N ASN B 250 -22.07 -11.11 -13.99
CA ASN B 250 -23.22 -11.99 -14.12
C ASN B 250 -22.87 -13.44 -13.84
N ASN B 251 -21.73 -13.71 -13.23
CA ASN B 251 -21.29 -15.08 -13.06
C ASN B 251 -20.73 -15.24 -11.65
N LEU B 252 -21.63 -15.44 -10.68
CA LEU B 252 -21.19 -15.63 -9.31
C LEU B 252 -20.31 -16.86 -9.17
N LYS B 253 -20.63 -17.92 -9.92
CA LYS B 253 -19.85 -19.15 -9.89
C LYS B 253 -18.37 -18.88 -10.19
N VAL B 254 -18.08 -18.20 -11.30
CA VAL B 254 -16.68 -17.93 -11.68
C VAL B 254 -16.05 -16.95 -10.71
N ALA B 255 -16.79 -15.91 -10.32
CA ALA B 255 -16.24 -14.94 -9.37
C ALA B 255 -15.83 -15.63 -8.08
N CYS B 256 -16.64 -16.57 -7.60
CA CYS B 256 -16.30 -17.24 -6.35
C CYS B 256 -15.16 -18.24 -6.56
N GLU B 257 -15.13 -18.93 -7.71
CA GLU B 257 -14.03 -19.84 -7.96
C GLU B 257 -12.69 -19.10 -7.97
N LYS B 258 -12.63 -17.94 -8.64
CA LYS B 258 -11.39 -17.18 -8.70
C LYS B 258 -11.01 -16.63 -7.33
N THR B 259 -12.00 -16.16 -6.56
CA THR B 259 -11.73 -15.66 -5.22
C THR B 259 -11.14 -16.75 -4.33
N VAL B 260 -11.83 -17.89 -4.24
CA VAL B 260 -11.36 -18.96 -3.36
C VAL B 260 -10.02 -19.50 -3.85
N SER B 261 -9.85 -19.63 -5.17
CA SER B 261 -8.57 -20.11 -5.70
C SER B 261 -7.44 -19.16 -5.32
N THR B 262 -7.68 -17.85 -5.41
CA THR B 262 -6.65 -16.90 -4.99
C THR B 262 -6.29 -17.13 -3.53
N LEU B 263 -7.30 -17.23 -2.66
CA LEU B 263 -7.03 -17.51 -1.25
C LEU B 263 -6.25 -18.79 -1.08
N HIS B 264 -6.64 -19.85 -1.80
CA HIS B 264 -5.89 -21.11 -1.74
C HIS B 264 -4.42 -20.92 -2.05
N HIS B 265 -4.10 -20.26 -3.17
CA HIS B 265 -2.70 -20.11 -3.53
C HIS B 265 -1.94 -19.34 -2.47
N VAL B 266 -2.54 -18.27 -1.93
CA VAL B 266 -1.87 -17.46 -0.93
C VAL B 266 -1.64 -18.27 0.34
N LEU B 267 -2.68 -18.95 0.82
CA LEU B 267 -2.56 -19.68 2.07
C LEU B 267 -1.62 -20.87 1.93
N GLN B 268 -1.67 -21.56 0.78
CA GLN B 268 -0.78 -22.68 0.54
C GLN B 268 0.68 -22.23 0.58
N ARG B 269 0.98 -21.14 -0.12
CA ARG B 269 2.34 -20.59 -0.07
C ARG B 269 2.72 -20.18 1.35
N THR B 270 1.76 -19.62 2.09
CA THR B 270 2.05 -19.14 3.44
C THR B 270 2.38 -20.29 4.37
N ILE B 271 1.61 -21.38 4.30
CA ILE B 271 1.86 -22.49 5.21
C ILE B 271 3.13 -23.24 4.83
N GLN B 272 3.45 -23.34 3.53
CA GLN B 272 4.72 -23.96 3.15
C GLN B 272 5.90 -23.17 3.68
N CYS B 273 5.83 -21.83 3.61
CA CYS B 273 6.91 -21.00 4.12
C CYS B 273 6.97 -21.06 5.64
N ALA B 274 5.80 -21.02 6.31
CA ALA B 274 5.77 -21.03 7.76
C ALA B 274 6.37 -22.31 8.32
N LYS B 275 6.02 -23.46 7.71
CA LYS B 275 6.55 -24.74 8.17
C LYS B 275 8.05 -24.86 7.93
N ALA B 276 8.56 -24.26 6.85
CA ALA B 276 10.00 -24.25 6.61
C ALA B 276 10.74 -23.41 7.63
N GLN B 277 10.20 -22.24 8.00
CA GLN B 277 10.85 -21.43 9.03
C GLN B 277 10.72 -22.05 10.41
N ALA B 278 9.61 -22.71 10.70
CA ALA B 278 9.40 -23.22 12.05
C ALA B 278 10.15 -24.53 12.29
N GLY B 279 10.26 -25.37 11.26
CA GLY B 279 10.84 -26.69 11.40
C GLY B 279 9.78 -27.77 11.54
N GLU B 280 10.18 -29.00 11.23
CA GLU B 280 9.26 -30.14 11.32
C GLU B 280 8.73 -30.27 12.73
N GLY B 281 7.40 -30.33 12.84
CA GLY B 281 6.73 -30.51 14.11
C GLY B 281 6.35 -29.22 14.82
N VAL B 282 7.14 -28.16 14.67
CA VAL B 282 6.88 -26.93 15.42
C VAL B 282 5.65 -26.23 14.86
N ARG B 283 4.71 -25.92 15.73
CA ARG B 283 3.60 -25.04 15.34
C ARG B 283 4.15 -23.65 15.03
N PRO B 284 3.84 -23.09 13.86
CA PRO B 284 4.43 -21.80 13.49
C PRO B 284 3.86 -20.65 14.30
N SER B 285 4.66 -19.60 14.39
CA SER B 285 4.31 -18.39 15.15
C SER B 285 3.44 -17.46 14.32
N PRO B 286 2.78 -16.47 14.95
CA PRO B 286 2.01 -15.50 14.15
C PRO B 286 2.86 -14.79 13.11
N MET B 287 4.12 -14.50 13.42
CA MET B 287 4.98 -13.81 12.47
C MET B 287 5.31 -14.72 11.29
N GLN B 288 5.49 -16.02 11.54
CA GLN B 288 5.75 -16.95 10.46
C GLN B 288 4.51 -17.19 9.60
N LEU B 289 3.31 -16.94 10.13
CA LEU B 289 2.06 -17.19 9.43
C LEU B 289 1.50 -15.96 8.70
N GLU B 290 2.21 -14.82 8.69
CA GLU B 290 1.74 -13.67 7.93
C GLU B 290 1.54 -14.06 6.46
N LEU B 291 0.43 -13.61 5.88
CA LEU B 291 0.15 -13.97 4.48
C LEU B 291 1.32 -13.57 3.59
N ARG B 292 1.76 -14.49 2.75
CA ARG B 292 2.81 -14.21 1.76
C ARG B 292 2.19 -13.48 0.58
N MET B 293 1.77 -12.24 0.83
CA MET B 293 1.05 -11.45 -0.16
C MET B 293 1.94 -11.09 -1.34
N VAL B 294 3.09 -10.49 -1.07
CA VAL B 294 3.97 -9.98 -2.11
C VAL B 294 4.43 -11.12 -3.03
N GLN B 295 4.73 -12.28 -2.45
CA GLN B 295 5.20 -13.43 -3.21
C GLN B 295 4.10 -14.10 -4.01
N SER B 296 2.82 -13.73 -3.80
CA SER B 296 1.70 -14.34 -4.49
C SER B 296 1.18 -13.48 -5.64
N LYS B 297 1.96 -12.48 -6.05
CA LYS B 297 1.51 -11.54 -7.07
C LYS B 297 0.96 -12.25 -8.30
N ARG B 298 1.67 -13.28 -8.80
CA ARG B 298 1.22 -13.90 -10.04
C ARG B 298 -0.02 -14.74 -9.85
N ASP B 299 -0.21 -15.33 -8.67
CA ASP B 299 -1.47 -16.01 -8.39
C ASP B 299 -2.64 -15.03 -8.30
N ILE B 300 -2.41 -13.84 -7.73
CA ILE B 300 -3.45 -12.83 -7.67
C ILE B 300 -3.86 -12.40 -9.07
N GLU B 301 -2.85 -12.16 -9.93
CA GLU B 301 -3.10 -11.72 -11.31
C GLU B 301 -3.96 -12.71 -12.09
N ASP B 302 -3.73 -14.00 -11.92
CA ASP B 302 -4.42 -15.02 -12.71
C ASP B 302 -4.41 -16.32 -11.93
N PRO B 303 -5.36 -16.51 -11.02
CA PRO B 303 -5.31 -17.69 -10.15
C PRO B 303 -5.73 -18.93 -10.92
N GLU B 304 -4.88 -19.95 -10.87
CA GLU B 304 -5.27 -21.26 -11.39
C GLU B 304 -6.43 -21.79 -10.58
N ILE B 305 -7.51 -22.16 -11.26
CA ILE B 305 -8.71 -22.60 -10.56
C ILE B 305 -8.46 -23.97 -9.95
N VAL B 306 -8.61 -24.08 -8.64
CA VAL B 306 -8.37 -25.34 -7.97
C VAL B 306 -9.60 -25.84 -7.25
N VAL B 307 -10.74 -25.18 -7.45
CA VAL B 307 -11.98 -25.56 -6.80
C VAL B 307 -13.12 -25.19 -7.72
N GLN B 308 -14.09 -26.09 -7.83
CA GLN B 308 -15.26 -25.87 -8.66
C GLN B 308 -16.44 -25.56 -7.76
N ALA B 309 -17.19 -24.53 -8.14
CA ALA B 309 -18.45 -24.24 -7.48
C ALA B 309 -19.56 -24.96 -8.23
N THR B 310 -20.53 -25.47 -7.48
CA THR B 310 -21.72 -26.06 -8.07
C THR B 310 -22.89 -25.11 -7.93
N VAL B 311 -23.59 -24.87 -9.04
CA VAL B 311 -24.79 -24.04 -9.05
C VAL B 311 -25.93 -24.81 -8.42
N LEU B 312 -26.58 -24.22 -7.42
CA LEU B 312 -27.68 -24.85 -6.70
C LEU B 312 -29.01 -24.59 -7.41
C1 GLC C . -6.79 -5.89 -16.34
C2 GLC C . -6.97 -5.92 -17.86
C3 GLC C . -6.04 -4.89 -18.47
C4 GLC C . -6.25 -3.51 -17.86
C5 GLC C . -6.33 -3.55 -16.33
C6 GLC C . -7.04 -2.26 -15.89
O2 GLC C . -6.66 -7.19 -18.37
O3 GLC C . -6.30 -4.80 -19.84
O4 GLC C . -5.18 -2.69 -18.24
O5 GLC C . -7.09 -4.62 -15.82
O6 GLC C . -8.44 -2.39 -16.01
C1 GLC C . -5.39 -6.58 -14.62
C2 GLC C . -3.97 -7.05 -14.28
C3 GLC C . -3.70 -8.43 -14.87
C4 GLC C . -4.77 -9.41 -14.39
C5 GLC C . -6.14 -8.84 -14.76
C6 GLC C . -7.28 -9.75 -14.32
O1 GLC C . -5.48 -6.28 -15.99
O2 GLC C . -3.01 -6.15 -14.76
O3 GLC C . -2.43 -8.82 -14.42
O4 GLC C . -4.60 -10.66 -15.00
O5 GLC C . -6.34 -7.54 -14.20
O6 GLC C . -8.49 -9.12 -14.66
C1 GLC D . 12.06 -11.37 -8.69
C2 GLC D . 12.56 -12.73 -9.22
C3 GLC D . 11.51 -13.78 -8.87
C4 GLC D . 11.34 -13.83 -7.36
C5 GLC D . 11.04 -12.43 -6.79
C6 GLC D . 11.32 -12.49 -5.28
O2 GLC D . 12.67 -12.65 -10.61
O3 GLC D . 11.86 -15.06 -9.31
O4 GLC D . 10.26 -14.70 -7.13
O5 GLC D . 11.86 -11.41 -7.29
O6 GLC D . 12.64 -12.07 -5.00
C1 GLC D . 10.45 -9.66 -9.03
C2 GLC D . 9.12 -9.33 -9.72
C3 GLC D . 9.34 -9.29 -11.23
C4 GLC D . 10.44 -8.29 -11.55
C5 GLC D . 11.69 -8.69 -10.77
C6 GLC D . 12.84 -7.72 -11.06
O1 GLC D . 10.86 -10.98 -9.35
O2 GLC D . 8.15 -10.32 -9.49
O3 GLC D . 8.12 -8.94 -11.85
O4 GLC D . 10.72 -8.31 -12.91
O5 GLC D . 11.44 -8.72 -9.38
O6 GLC D . 13.92 -8.09 -10.26
NA NA E . 15.43 13.89 -5.36
C1 LU2 F . 11.25 13.82 -15.04
O1 LU2 F . 10.23 14.03 -16.99
C2 LU2 F . 11.07 13.26 -16.18
O2 LU2 F . 12.71 10.36 -16.47
C3 LU2 F . 11.47 12.24 -16.64
O3 LU2 F . 14.00 9.93 -14.30
C4 LU2 F . 12.23 11.56 -15.89
O4 LU2 F . 12.48 13.41 -12.88
C5 LU2 F . 12.69 11.80 -14.57
O5 LU2 F . 12.06 16.09 -8.70
C6 LU2 F . 12.13 13.05 -14.12
O6 LU2 F . 13.71 14.92 -6.79
C7 LU2 F . 13.55 10.94 -13.85
C8 LU2 F . 13.91 11.38 -12.37
C9 LU2 F . 13.30 12.66 -11.93
C10 LU2 F . 13.43 13.24 -10.55
C11 LU2 F . 12.71 14.38 -10.26
C12 LU2 F . 12.79 14.94 -9.01
C13 LU2 F . 13.63 14.37 -8.06
C14 LU2 F . 14.35 13.23 -8.35
C15 LU2 F . 14.26 12.66 -9.60
C1 MPD G . 5.50 13.92 0.44
C2 MPD G . 4.52 15.11 0.32
O2 MPD G . 4.16 15.29 -1.07
CM MPD G . 5.17 16.41 0.77
C3 MPD G . 3.26 14.82 1.14
C4 MPD G . 2.54 16.11 1.51
O4 MPD G . 1.83 16.57 0.38
C5 MPD G . 1.57 15.87 2.67
C1 MPD H . 16.48 29.08 0.95
C2 MPD H . 17.54 29.74 1.81
O2 MPD H . 16.89 30.69 2.69
CM MPD H . 18.50 30.48 0.88
C3 MPD H . 18.28 28.71 2.67
C4 MPD H . 18.55 29.18 4.10
O4 MPD H . 18.99 28.08 4.90
C5 MPD H . 19.59 30.27 4.22
C1 MPD I . 24.31 29.45 0.59
C2 MPD I . 24.42 28.33 -0.45
O2 MPD I . 25.07 27.19 0.16
CM MPD I . 25.26 28.83 -1.63
C3 MPD I . 23.04 27.85 -0.90
C4 MPD I . 22.47 28.72 -2.02
O4 MPD I . 22.30 27.92 -3.17
C5 MPD I . 21.13 29.34 -1.60
S DMS J . 33.28 2.38 2.42
O DMS J . 33.38 2.29 0.92
C1 DMS J . 34.95 2.29 3.16
C2 DMS J . 32.50 0.88 3.08
S DMS K . 14.18 4.51 20.57
O DMS K . 15.43 3.68 20.72
C1 DMS K . 14.50 6.20 21.14
C2 DMS K . 12.97 3.94 21.80
NA NA L . -15.63 -13.41 6.12
C1 LU2 M . -9.22 -21.41 4.29
O1 LU2 M . -7.72 -23.04 4.08
C2 LU2 M . -8.58 -22.13 3.46
O2 LU2 M . -9.29 -21.47 0.30
C3 LU2 M . -8.58 -22.18 2.28
O3 LU2 M . -11.20 -19.64 0.31
C4 LU2 M . -9.35 -21.36 1.71
O4 LU2 M . -10.95 -19.53 4.28
C5 LU2 M . -10.25 -20.37 2.24
O5 LU2 M . -12.31 -16.75 8.28
C6 LU2 M . -10.16 -20.41 3.67
O6 LU2 M . -13.95 -14.63 7.32
C7 LU2 M . -11.09 -19.52 1.48
C8 LU2 M . -11.88 -18.40 2.26
C9 LU2 M . -11.56 -18.31 3.70
C10 LU2 M . -12.21 -17.32 4.66
C11 LU2 M . -11.99 -17.47 6.01
C12 LU2 M . -12.55 -16.58 6.91
C13 LU2 M . -13.35 -15.55 6.44
C14 LU2 M . -13.56 -15.41 5.08
C15 LU2 M . -13.00 -16.30 4.18
C1 MPD N . -7.08 -3.29 14.71
C2 MPD N . -6.35 -4.56 14.27
O2 MPD N . -6.22 -5.44 15.42
CM MPD N . -4.95 -4.16 13.81
C3 MPD N . -7.13 -5.31 13.19
C4 MPD N . -6.57 -6.71 12.90
O4 MPD N . -5.97 -7.28 14.05
C5 MPD N . -7.64 -7.68 12.37
C1 MPD O . -22.67 -12.00 22.01
C2 MPD O . -24.19 -12.17 22.09
O2 MPD O . -24.75 -11.27 21.09
CM MPD O . -24.71 -11.70 23.44
C3 MPD O . -24.68 -13.58 21.72
C4 MPD O . -23.94 -14.85 22.20
O4 MPD O . -22.85 -15.14 21.34
C5 MPD O . -23.48 -14.88 23.67
C1 MPD P . -29.60 -16.91 16.67
C2 MPD P . -28.77 -15.93 17.51
O2 MPD P . -28.90 -16.28 18.90
CM MPD P . -29.30 -14.51 17.33
C3 MPD P . -27.31 -16.03 17.10
C4 MPD P . -26.52 -16.93 18.06
O4 MPD P . -26.33 -18.20 17.49
C5 MPD P . -25.18 -16.30 18.41
S DMS Q . -33.56 -5.78 -7.06
O DMS Q . -32.10 -6.12 -7.12
C1 DMS Q . -34.33 -6.17 -8.66
C2 DMS Q . -33.78 -3.98 -7.01
S DMS R . -20.57 14.25 6.15
O DMS R . -21.84 14.15 6.93
C1 DMS R . -20.61 15.66 5.01
C2 DMS R . -20.48 12.86 4.99
#